data_1QFM
#
_entry.id   1QFM
#
_cell.length_a   70.700
_cell.length_b   99.600
_cell.length_c   110.600
_cell.angle_alpha   90.00
_cell.angle_beta   90.00
_cell.angle_gamma   90.00
#
_symmetry.space_group_name_H-M   'P 21 21 21'
#
loop_
_entity.id
_entity.type
_entity.pdbx_description
1 polymer 'PROTEIN (PROLYL OLIGOPEPTIDASE)'
2 non-polymer 1-HYDROXY-1-THIO-GLYCEROL
3 non-polymer MONOTHIOGLYCEROL
4 non-polymer GLYCEROL
5 water water
#
_entity_poly.entity_id   1
_entity_poly.type   'polypeptide(L)'
_entity_poly.pdbx_seq_one_letter_code
;MLSFQYPDVYRDETAIQDYHGHKV(CSX)DPYAWLEDPDSEQTKAFVEAQNKITVPFLEQ(CSX)PIRGLYKERMTELYD
YPKYSCHFKKGKRYFYFYNTGLQNQRVLYVQDSLEGEARVFLDPNILSDDGTVALRGYAFSEDGEYFAYGLSASGSDWVT
IKFMKVDGAKELPDVLERVKFS(CSD)MAWTHDGKGMFYNAYPQQDGKSDGTETSTNLHQKLYYHVLGTDQSEDILCAEF
PDEPKWMGGAELSDDGRYVLLSIREG(CSX)DPVNRLWYCDLQQESNGITGILKWVKLIDNFEGEYDYVTNEGTVFTFKT
NRHSPNYRLINIDFTDPEESKWKVLVPEHEKDVLEWVACVRSNFLVLCYLHDVKNTLQLHDLATGALLKIFPLEVGSVVG
YSGQKKDTEIFYQFTSFLSPGIIYHCDLTKEELEPRVFREVTVKGIDASDYQTVQIFYPSKDGTKIPMFIVHKKGIKLDG
SHPAFLYGYGGFNISITPNYSVSRLIFVRHMGGVLAVANIRGGGEYGETWHKGGILANKQNCFDDFQCAAEYLIKEGYTS
PKRLTINGGSNGGLLVATCANQRPDLFGCVIAQVGVMDMLKFHKYTIGHAWTTDYG(CSD)SDSKQHFEWLIKYSPLHNV
KLPEADDIQYPSMLLLTADHDDRVVPLHSLKFIATLQYIVGRSRKQNNPLLIHVDTKAGHGAGKPTAKVIEEVSDMFAFI
ARCLNIDWIP
;
_entity_poly.pdbx_strand_id   A
#
# COMPACT_ATOMS: atom_id res chain seq x y z
N MET A 1 -8.31 -32.04 -14.61
CA MET A 1 -8.40 -31.43 -13.27
C MET A 1 -9.63 -30.53 -13.18
N LEU A 2 -10.15 -30.13 -14.34
CA LEU A 2 -11.33 -29.27 -14.41
C LEU A 2 -12.59 -30.13 -14.44
N SER A 3 -13.10 -30.46 -13.25
CA SER A 3 -14.30 -31.28 -13.13
C SER A 3 -15.54 -30.38 -13.11
N PHE A 4 -15.33 -29.10 -13.40
CA PHE A 4 -16.41 -28.13 -13.41
C PHE A 4 -16.53 -27.48 -14.79
N GLN A 5 -17.62 -26.76 -15.01
CA GLN A 5 -17.82 -26.05 -16.26
C GLN A 5 -17.95 -24.56 -15.96
N TYR A 6 -17.37 -23.74 -16.82
CA TYR A 6 -17.42 -22.29 -16.65
C TYR A 6 -18.86 -21.81 -16.81
N PRO A 7 -19.29 -20.90 -15.91
CA PRO A 7 -20.65 -20.37 -15.97
C PRO A 7 -20.95 -19.68 -17.29
N ASP A 8 -22.18 -19.78 -17.75
CA ASP A 8 -22.56 -19.10 -18.98
C ASP A 8 -22.68 -17.62 -18.60
N VAL A 9 -22.06 -16.76 -19.40
CA VAL A 9 -22.06 -15.33 -19.15
C VAL A 9 -22.47 -14.57 -20.40
N TYR A 10 -23.54 -13.80 -20.29
CA TYR A 10 -24.05 -13.04 -21.42
C TYR A 10 -23.06 -12.04 -21.98
N ARG A 11 -22.97 -12.01 -23.29
CA ARG A 11 -22.09 -11.09 -24.01
C ARG A 11 -22.92 -10.02 -24.70
N ASP A 12 -22.79 -8.79 -24.25
CA ASP A 12 -23.50 -7.67 -24.89
C ASP A 12 -22.64 -7.26 -26.07
N GLU A 13 -22.88 -7.85 -27.23
CA GLU A 13 -22.11 -7.54 -28.41
C GLU A 13 -22.44 -6.21 -29.08
N THR A 14 -23.32 -5.43 -28.47
CA THR A 14 -23.67 -4.11 -29.00
C THR A 14 -22.85 -3.04 -28.25
N ALA A 15 -22.18 -3.44 -27.18
CA ALA A 15 -21.37 -2.50 -26.38
C ALA A 15 -20.06 -2.16 -27.07
N ILE A 16 -20.12 -1.27 -28.06
CA ILE A 16 -18.96 -0.87 -28.82
C ILE A 16 -18.68 0.62 -28.64
N GLN A 17 -17.43 0.96 -28.32
CA GLN A 17 -17.03 2.35 -28.13
C GLN A 17 -15.86 2.69 -29.04
N ASP A 18 -15.91 3.88 -29.61
CA ASP A 18 -14.83 4.34 -30.49
C ASP A 18 -13.80 5.12 -29.68
N TYR A 19 -12.55 4.67 -29.78
CA TYR A 19 -11.45 5.34 -29.11
C TYR A 19 -10.50 5.85 -30.19
N HIS A 20 -10.72 7.09 -30.62
CA HIS A 20 -9.88 7.72 -31.64
C HIS A 20 -9.80 6.91 -32.94
N GLY A 21 -10.92 6.32 -33.33
CA GLY A 21 -10.93 5.52 -34.55
C GLY A 21 -10.78 4.03 -34.28
N HIS A 22 -10.31 3.69 -33.08
CA HIS A 22 -10.12 2.29 -32.70
C HIS A 22 -11.38 1.82 -31.98
N LYS A 23 -12.14 0.94 -32.63
CA LYS A 23 -13.38 0.40 -32.06
C LYS A 23 -13.02 -0.65 -31.01
N VAL A 24 -13.68 -0.57 -29.85
CA VAL A 24 -13.46 -1.52 -28.77
C VAL A 24 -14.80 -2.05 -28.27
N ASP A 26 -16.92 -4.12 -25.52
CA ASP A 26 -16.83 -4.39 -24.09
C ASP A 26 -18.10 -5.19 -23.73
N PRO A 27 -18.17 -6.44 -24.21
CA PRO A 27 -19.32 -7.32 -23.98
C PRO A 27 -19.74 -7.59 -22.55
N TYR A 28 -18.83 -7.38 -21.60
CA TYR A 28 -19.13 -7.60 -20.20
C TYR A 28 -19.25 -6.30 -19.41
N ALA A 29 -19.54 -5.21 -20.11
CA ALA A 29 -19.69 -3.90 -19.49
C ALA A 29 -20.75 -3.90 -18.39
N TRP A 30 -21.75 -4.77 -18.52
CA TRP A 30 -22.83 -4.84 -17.53
C TRP A 30 -22.33 -5.26 -16.15
N LEU A 31 -21.19 -5.92 -16.11
CA LEU A 31 -20.61 -6.33 -14.83
C LEU A 31 -20.10 -5.11 -14.03
N GLU A 32 -20.18 -3.93 -14.63
CA GLU A 32 -19.76 -2.71 -13.97
C GLU A 32 -20.78 -2.28 -12.90
N ASP A 33 -21.97 -2.88 -12.95
CA ASP A 33 -23.01 -2.56 -11.99
C ASP A 33 -22.98 -3.63 -10.90
N PRO A 34 -22.44 -3.28 -9.72
CA PRO A 34 -22.36 -4.24 -8.61
C PRO A 34 -23.70 -4.65 -8.00
N ASP A 35 -24.72 -3.83 -8.21
CA ASP A 35 -26.01 -4.08 -7.61
C ASP A 35 -27.02 -4.90 -8.41
N SER A 36 -26.77 -5.11 -9.68
CA SER A 36 -27.71 -5.85 -10.50
C SER A 36 -27.81 -7.34 -10.15
N GLU A 37 -28.97 -7.91 -10.45
CA GLU A 37 -29.17 -9.33 -10.21
C GLU A 37 -28.22 -10.13 -11.08
N GLN A 38 -27.97 -9.62 -12.28
CA GLN A 38 -27.07 -10.25 -13.23
C GLN A 38 -25.64 -10.36 -12.67
N THR A 39 -25.12 -9.26 -12.13
CA THR A 39 -23.79 -9.27 -11.58
C THR A 39 -23.69 -10.14 -10.33
N LYS A 40 -24.70 -10.06 -9.48
CA LYS A 40 -24.72 -10.86 -8.27
C LYS A 40 -24.75 -12.35 -8.62
N ALA A 41 -25.51 -12.71 -9.65
CA ALA A 41 -25.59 -14.10 -10.09
C ALA A 41 -24.26 -14.55 -10.67
N PHE A 42 -23.59 -13.65 -11.38
CA PHE A 42 -22.27 -13.94 -11.96
C PHE A 42 -21.27 -14.27 -10.86
N VAL A 43 -21.22 -13.44 -9.83
CA VAL A 43 -20.32 -13.65 -8.72
C VAL A 43 -20.60 -14.98 -8.02
N GLU A 44 -21.87 -15.26 -7.77
CA GLU A 44 -22.24 -16.52 -7.11
C GLU A 44 -21.80 -17.71 -7.94
N ALA A 45 -22.07 -17.68 -9.24
CA ALA A 45 -21.70 -18.79 -10.12
C ALA A 45 -20.19 -19.01 -10.18
N GLN A 46 -19.42 -17.93 -10.12
CA GLN A 46 -17.98 -18.04 -10.15
C GLN A 46 -17.45 -18.63 -8.85
N ASN A 47 -17.93 -18.12 -7.73
CA ASN A 47 -17.49 -18.63 -6.44
C ASN A 47 -17.87 -20.11 -6.29
N LYS A 48 -18.98 -20.50 -6.90
CA LYS A 48 -19.46 -21.87 -6.84
C LYS A 48 -18.48 -22.87 -7.42
N ILE A 49 -17.73 -22.49 -8.44
CA ILE A 49 -16.74 -23.39 -9.02
C ILE A 49 -15.35 -23.24 -8.40
N THR A 50 -15.02 -22.04 -7.98
CA THR A 50 -13.71 -21.79 -7.39
C THR A 50 -13.51 -22.40 -6.01
N VAL A 51 -14.49 -22.22 -5.13
CA VAL A 51 -14.35 -22.72 -3.77
C VAL A 51 -14.11 -24.23 -3.69
N PRO A 52 -14.93 -25.05 -4.38
CA PRO A 52 -14.67 -26.49 -4.29
C PRO A 52 -13.31 -26.87 -4.87
N PHE A 53 -12.87 -26.14 -5.90
CA PHE A 53 -11.57 -26.42 -6.50
C PHE A 53 -10.45 -26.18 -5.50
N LEU A 54 -10.55 -25.08 -4.75
CA LEU A 54 -9.54 -24.74 -3.75
C LEU A 54 -9.55 -25.64 -2.52
N GLU A 55 -10.73 -26.14 -2.17
CA GLU A 55 -10.89 -26.98 -0.98
C GLU A 55 -10.91 -28.49 -1.20
N GLN A 56 -10.86 -28.93 -2.44
CA GLN A 56 -10.91 -30.36 -2.73
C GLN A 56 -9.79 -31.19 -2.11
N PRO A 58 -6.41 -32.17 0.29
CA PRO A 58 -6.01 -31.99 1.69
C PRO A 58 -5.01 -30.84 1.90
N ILE A 59 -4.30 -30.44 0.84
CA ILE A 59 -3.30 -29.37 0.93
C ILE A 59 -3.79 -28.07 1.57
N ARG A 60 -5.00 -27.62 1.21
CA ARG A 60 -5.47 -26.36 1.80
C ARG A 60 -5.56 -26.43 3.32
N GLY A 61 -6.06 -27.56 3.83
CA GLY A 61 -6.19 -27.75 5.25
C GLY A 61 -4.84 -27.82 5.94
N LEU A 62 -3.89 -28.49 5.30
CA LEU A 62 -2.54 -28.60 5.86
C LEU A 62 -1.90 -27.21 5.94
N TYR A 63 -2.05 -26.43 4.87
CA TYR A 63 -1.51 -25.09 4.85
C TYR A 63 -2.18 -24.20 5.89
N LYS A 64 -3.51 -24.25 5.95
CA LYS A 64 -4.24 -23.44 6.91
C LYS A 64 -3.85 -23.75 8.36
N GLU A 65 -3.69 -25.03 8.66
CA GLU A 65 -3.29 -25.45 10.00
C GLU A 65 -1.94 -24.84 10.35
N ARG A 66 -0.98 -25.00 9.43
CA ARG A 66 0.36 -24.50 9.64
C ARG A 66 0.41 -22.97 9.75
N MET A 67 -0.36 -22.30 8.92
CA MET A 67 -0.43 -20.83 8.94
C MET A 67 -0.98 -20.38 10.29
N THR A 68 -2.04 -21.03 10.74
CA THR A 68 -2.68 -20.68 12.01
C THR A 68 -1.72 -20.89 13.18
N GLU A 69 -0.89 -21.93 13.09
CA GLU A 69 0.07 -22.21 14.13
C GLU A 69 1.23 -21.22 14.12
N LEU A 70 1.83 -21.05 12.95
CA LEU A 70 2.98 -20.16 12.79
C LEU A 70 2.70 -18.67 12.89
N TYR A 71 1.53 -18.24 12.41
CA TYR A 71 1.18 -16.82 12.46
C TYR A 71 0.75 -16.42 13.88
N ASP A 72 0.58 -17.42 14.73
CA ASP A 72 0.19 -17.19 16.11
C ASP A 72 1.40 -16.85 16.96
N TYR A 73 1.84 -15.61 16.86
CA TYR A 73 2.99 -15.14 17.64
C TYR A 73 2.67 -13.69 18.03
N PRO A 74 3.11 -13.27 19.22
CA PRO A 74 2.86 -11.90 19.69
C PRO A 74 3.41 -10.84 18.73
N LYS A 75 2.55 -9.90 18.34
CA LYS A 75 2.92 -8.85 17.41
C LYS A 75 2.78 -7.46 18.04
N TYR A 76 3.90 -6.74 18.11
CA TYR A 76 3.96 -5.40 18.69
C TYR A 76 4.37 -4.35 17.69
N SER A 77 3.89 -3.13 17.90
CA SER A 77 4.31 -1.99 17.09
C SER A 77 5.27 -1.30 18.07
N CYS A 78 6.04 -0.34 17.59
CA CYS A 78 6.91 0.33 18.55
C CYS A 78 6.07 1.33 19.35
N HIS A 79 6.59 1.70 20.51
CA HIS A 79 5.91 2.64 21.38
C HIS A 79 5.98 4.04 20.81
N PHE A 80 5.03 4.88 21.22
CA PHE A 80 5.02 6.27 20.83
C PHE A 80 4.38 7.04 21.98
N LYS A 81 4.94 8.20 22.27
CA LYS A 81 4.45 9.01 23.37
C LYS A 81 3.53 10.13 22.90
N LYS A 82 2.45 10.35 23.64
CA LYS A 82 1.50 11.42 23.37
C LYS A 82 1.17 12.01 24.73
N GLY A 83 1.56 13.26 24.94
CA GLY A 83 1.34 13.90 26.22
C GLY A 83 2.19 13.17 27.24
N LYS A 84 1.61 12.80 28.37
CA LYS A 84 2.34 12.12 29.41
C LYS A 84 2.15 10.59 29.41
N ARG A 85 1.65 10.05 28.31
CA ARG A 85 1.42 8.61 28.21
C ARG A 85 2.08 7.97 27.00
N TYR A 86 2.33 6.66 27.11
CA TYR A 86 2.91 5.90 26.01
C TYR A 86 1.82 5.00 25.44
N PHE A 87 1.91 4.77 24.14
CA PHE A 87 0.96 3.92 23.44
C PHE A 87 1.69 2.95 22.53
N TYR A 88 1.04 1.83 22.23
CA TYR A 88 1.60 0.83 21.32
C TYR A 88 0.50 -0.12 20.92
N PHE A 89 0.63 -0.70 19.74
CA PHE A 89 -0.36 -1.67 19.26
C PHE A 89 0.18 -3.06 19.58
N TYR A 90 -0.72 -3.98 19.87
CA TYR A 90 -0.33 -5.34 20.22
C TYR A 90 -1.44 -6.33 19.86
N ASN A 91 -1.02 -7.46 19.32
CA ASN A 91 -1.93 -8.53 18.95
C ASN A 91 -1.33 -9.75 19.62
N THR A 92 -2.09 -10.41 20.50
CA THR A 92 -1.58 -11.58 21.20
C THR A 92 -1.14 -12.67 20.21
N GLY A 93 -1.68 -12.62 19.00
CA GLY A 93 -1.30 -13.59 17.99
C GLY A 93 -2.30 -13.74 16.86
N LEU A 94 -3.52 -14.15 17.20
CA LEU A 94 -4.56 -14.39 16.21
C LEU A 94 -5.79 -13.50 16.35
N GLN A 95 -5.68 -12.42 17.11
CA GLN A 95 -6.81 -11.52 17.23
C GLN A 95 -7.05 -10.97 15.82
N ASN A 96 -8.31 -10.76 15.48
CA ASN A 96 -8.63 -10.26 14.16
C ASN A 96 -8.04 -8.90 13.87
N GLN A 97 -7.99 -8.06 14.91
CA GLN A 97 -7.43 -6.71 14.79
C GLN A 97 -6.47 -6.47 15.93
N ARG A 98 -5.38 -5.76 15.66
CA ARG A 98 -4.44 -5.45 16.72
C ARG A 98 -5.11 -4.43 17.64
N VAL A 99 -4.67 -4.41 18.89
CA VAL A 99 -5.25 -3.55 19.90
C VAL A 99 -4.31 -2.44 20.36
N LEU A 100 -4.86 -1.26 20.58
CA LEU A 100 -4.08 -0.11 21.02
C LEU A 100 -4.07 -0.08 22.55
N TYR A 101 -2.87 -0.11 23.13
CA TYR A 101 -2.65 -0.08 24.57
C TYR A 101 -2.07 1.26 25.00
N VAL A 102 -2.23 1.55 26.30
CA VAL A 102 -1.72 2.77 26.88
C VAL A 102 -1.10 2.47 28.23
N GLN A 103 -0.05 3.20 28.56
CA GLN A 103 0.61 3.06 29.85
C GLN A 103 1.10 4.44 30.27
N ASP A 104 1.06 4.71 31.56
CA ASP A 104 1.47 6.00 32.09
C ASP A 104 2.99 6.23 32.17
N SER A 105 3.74 5.16 31.93
CA SER A 105 5.20 5.22 31.93
C SER A 105 5.69 3.92 31.29
N LEU A 106 6.96 3.87 30.88
CA LEU A 106 7.51 2.67 30.25
C LEU A 106 7.53 1.46 31.18
N GLU A 107 7.73 1.71 32.47
CA GLU A 107 7.75 0.64 33.46
C GLU A 107 6.35 0.37 33.99
N GLY A 108 5.42 1.27 33.67
CA GLY A 108 4.05 1.14 34.13
C GLY A 108 3.25 0.02 33.49
N GLU A 109 2.18 -0.37 34.17
CA GLU A 109 1.29 -1.43 33.69
C GLU A 109 0.49 -0.89 32.52
N ALA A 110 0.38 -1.68 31.45
CA ALA A 110 -0.36 -1.27 30.27
C ALA A 110 -1.81 -1.72 30.36
N ARG A 111 -2.70 -0.97 29.72
CA ARG A 111 -4.11 -1.30 29.70
C ARG A 111 -4.67 -1.06 28.31
N VAL A 112 -5.75 -1.74 28.00
CA VAL A 112 -6.40 -1.58 26.70
C VAL A 112 -6.95 -0.16 26.58
N PHE A 113 -6.63 0.48 25.45
CA PHE A 113 -7.11 1.82 25.18
C PHE A 113 -8.20 1.77 24.12
N LEU A 114 -7.92 1.11 22.99
CA LEU A 114 -8.91 0.96 21.91
C LEU A 114 -8.79 -0.45 21.35
N ASP A 115 -9.86 -1.23 21.51
CA ASP A 115 -9.91 -2.60 21.03
C ASP A 115 -10.96 -2.69 19.92
N PRO A 116 -10.53 -2.65 18.66
CA PRO A 116 -11.47 -2.74 17.53
C PRO A 116 -12.21 -4.07 17.41
N ASN A 117 -11.67 -5.12 18.02
CA ASN A 117 -12.29 -6.44 17.95
C ASN A 117 -13.70 -6.51 18.49
N ILE A 118 -14.01 -5.70 19.50
CA ILE A 118 -15.35 -5.74 20.08
C ILE A 118 -16.36 -4.94 19.26
N LEU A 119 -15.91 -4.37 18.14
CA LEU A 119 -16.80 -3.60 17.28
C LEU A 119 -17.53 -4.45 16.24
N SER A 120 -17.14 -5.72 16.12
CA SER A 120 -17.78 -6.61 15.17
C SER A 120 -17.51 -8.07 15.55
N ASP A 121 -18.38 -8.96 15.11
CA ASP A 121 -18.23 -10.39 15.40
C ASP A 121 -17.08 -11.01 14.62
N ASP A 122 -16.88 -10.53 13.40
CA ASP A 122 -15.87 -11.07 12.50
C ASP A 122 -14.63 -10.23 12.26
N GLY A 123 -14.45 -9.19 13.07
CA GLY A 123 -13.29 -8.33 12.91
C GLY A 123 -13.25 -7.51 11.63
N THR A 124 -14.41 -7.20 11.07
CA THR A 124 -14.45 -6.41 9.85
C THR A 124 -14.57 -4.90 10.02
N VAL A 125 -14.50 -4.44 11.27
CA VAL A 125 -14.50 -3.01 11.54
C VAL A 125 -13.05 -2.78 12.00
N ALA A 126 -12.35 -1.89 11.30
CA ALA A 126 -10.95 -1.65 11.60
C ALA A 126 -10.61 -0.19 11.73
N LEU A 127 -9.56 0.07 12.49
CA LEU A 127 -9.05 1.41 12.68
C LEU A 127 -8.40 1.82 11.35
N ARG A 128 -8.67 3.04 10.90
CA ARG A 128 -8.09 3.58 9.68
C ARG A 128 -7.78 5.03 9.93
N GLY A 129 -6.56 5.29 10.43
CA GLY A 129 -6.13 6.65 10.72
C GLY A 129 -6.53 7.10 12.11
N TYR A 130 -5.72 7.97 12.70
CA TYR A 130 -5.99 8.51 14.03
C TYR A 130 -5.10 9.72 14.27
N ALA A 131 -5.49 10.53 15.25
CA ALA A 131 -4.71 11.71 15.60
C ALA A 131 -5.01 12.11 17.02
N PHE A 132 -3.95 12.27 17.79
CA PHE A 132 -4.07 12.72 19.17
C PHE A 132 -3.96 14.23 19.18
N SER A 133 -4.61 14.87 20.14
CA SER A 133 -4.49 16.31 20.29
C SER A 133 -3.02 16.57 20.67
N GLU A 134 -2.55 17.80 20.51
CA GLU A 134 -1.18 18.15 20.83
C GLU A 134 -0.80 17.79 22.26
N ASP A 135 -1.70 17.99 23.21
CA ASP A 135 -1.41 17.67 24.60
C ASP A 135 -1.61 16.20 24.94
N GLY A 136 -2.07 15.42 23.95
CA GLY A 136 -2.30 14.00 24.15
C GLY A 136 -3.50 13.62 25.02
N GLU A 137 -4.34 14.60 25.34
CA GLU A 137 -5.49 14.33 26.18
C GLU A 137 -6.75 13.94 25.43
N TYR A 138 -6.78 14.16 24.11
CA TYR A 138 -7.93 13.81 23.30
C TYR A 138 -7.48 12.99 22.12
N PHE A 139 -8.37 12.16 21.62
CA PHE A 139 -8.05 11.23 20.55
C PHE A 139 -9.13 11.09 19.51
N ALA A 140 -8.74 11.22 18.24
CA ALA A 140 -9.65 11.07 17.11
C ALA A 140 -9.20 9.82 16.38
N TYR A 141 -10.15 9.02 15.94
CA TYR A 141 -9.80 7.80 15.21
C TYR A 141 -10.82 7.46 14.14
N GLY A 142 -10.33 6.95 13.03
CA GLY A 142 -11.20 6.58 11.95
C GLY A 142 -11.55 5.10 11.99
N LEU A 143 -12.78 4.77 11.63
CA LEU A 143 -13.23 3.39 11.57
C LEU A 143 -13.75 3.08 10.16
N SER A 144 -13.30 1.97 9.60
CA SER A 144 -13.73 1.53 8.29
C SER A 144 -14.43 0.19 8.45
N ALA A 145 -15.53 0.01 7.73
CA ALA A 145 -16.30 -1.23 7.79
C ALA A 145 -16.16 -2.04 6.51
N SER A 146 -15.99 -3.34 6.68
CA SER A 146 -15.88 -4.26 5.56
C SER A 146 -14.77 -3.99 4.55
N GLY A 147 -13.72 -3.32 5.01
CA GLY A 147 -12.57 -3.03 4.16
C GLY A 147 -12.68 -1.81 3.27
N SER A 148 -13.81 -1.10 3.35
CA SER A 148 -14.01 0.10 2.53
C SER A 148 -13.07 1.24 2.95
N ASP A 149 -12.76 2.10 1.98
CA ASP A 149 -11.94 3.28 2.22
C ASP A 149 -12.73 4.32 3.02
N TRP A 150 -14.06 4.26 2.98
CA TRP A 150 -14.86 5.21 3.74
C TRP A 150 -14.54 5.10 5.22
N VAL A 151 -14.48 6.26 5.85
CA VAL A 151 -14.16 6.36 7.25
C VAL A 151 -15.21 7.15 8.04
N THR A 152 -15.43 6.75 9.28
CA THR A 152 -16.29 7.46 10.22
C THR A 152 -15.30 7.82 11.33
N ILE A 153 -15.14 9.11 11.61
CA ILE A 153 -14.22 9.53 12.66
C ILE A 153 -14.96 9.68 13.98
N LYS A 154 -14.41 9.05 15.01
CA LYS A 154 -14.97 9.11 16.35
C LYS A 154 -13.92 9.70 17.29
N PHE A 155 -14.35 10.08 18.50
CA PHE A 155 -13.48 10.74 19.45
C PHE A 155 -13.55 10.18 20.86
N MET A 156 -12.46 10.34 21.61
CA MET A 156 -12.35 9.88 22.98
C MET A 156 -11.50 10.82 23.80
N LYS A 157 -11.82 10.92 25.08
CA LYS A 157 -10.99 11.68 25.99
C LYS A 157 -10.05 10.57 26.48
N VAL A 158 -8.75 10.79 26.39
CA VAL A 158 -7.76 9.79 26.76
C VAL A 158 -7.83 9.29 28.20
N ASP A 159 -7.87 10.21 29.15
CA ASP A 159 -7.96 9.84 30.55
C ASP A 159 -9.29 9.14 30.80
N GLY A 160 -9.23 7.84 31.05
CA GLY A 160 -10.43 7.06 31.30
C GLY A 160 -11.03 6.44 30.03
N ALA A 161 -10.38 6.69 28.89
CA ALA A 161 -10.84 6.18 27.59
C ALA A 161 -12.35 6.42 27.42
N LYS A 162 -12.76 7.66 27.67
CA LYS A 162 -14.16 8.06 27.59
C LYS A 162 -14.61 8.36 26.16
N GLU A 163 -15.71 7.76 25.77
CA GLU A 163 -16.27 7.98 24.44
C GLU A 163 -16.99 9.32 24.41
N LEU A 164 -16.71 10.10 23.36
CA LEU A 164 -17.34 11.40 23.21
C LEU A 164 -18.43 11.27 22.14
N PRO A 165 -19.37 12.23 22.08
CA PRO A 165 -20.45 12.18 21.09
C PRO A 165 -20.08 12.50 19.63
N ASP A 166 -19.00 13.25 19.44
CA ASP A 166 -18.56 13.66 18.12
C ASP A 166 -18.40 12.52 17.10
N VAL A 167 -19.05 12.66 15.95
CA VAL A 167 -18.98 11.68 14.87
C VAL A 167 -18.92 12.41 13.53
N LEU A 168 -17.90 12.13 12.74
CA LEU A 168 -17.73 12.76 11.43
C LEU A 168 -17.90 11.72 10.33
N GLU A 169 -18.83 11.99 9.41
CA GLU A 169 -19.14 11.11 8.28
C GLU A 169 -18.63 11.71 6.97
N ARG A 170 -18.68 10.91 5.90
CA ARG A 170 -18.27 11.28 4.55
C ARG A 170 -16.78 11.52 4.42
N VAL A 171 -16.01 10.89 5.31
CA VAL A 171 -14.57 11.01 5.34
C VAL A 171 -13.90 9.93 4.51
N LYS A 172 -12.97 10.33 3.64
CA LYS A 172 -12.20 9.40 2.82
C LYS A 172 -10.90 10.10 2.39
N PHE A 173 -9.80 9.34 2.38
CA PHE A 173 -8.46 9.83 2.01
C PHE A 173 -8.21 11.14 2.75
N SER A 174 -8.43 11.06 4.05
CA SER A 174 -8.35 12.22 4.93
C SER A 174 -7.15 12.27 5.85
N MET A 176 -5.73 14.01 9.44
CA MET A 176 -6.37 14.39 10.71
C MET A 176 -5.33 15.20 11.46
N ALA A 177 -5.66 16.44 11.81
CA ALA A 177 -4.70 17.28 12.51
C ALA A 177 -5.38 18.26 13.45
N TRP A 178 -5.04 18.18 14.73
CA TRP A 178 -5.63 19.05 15.73
C TRP A 178 -4.90 20.38 15.83
N THR A 179 -5.64 21.47 16.00
CA THR A 179 -4.97 22.74 16.22
C THR A 179 -4.41 22.64 17.65
N HIS A 180 -3.27 23.28 17.90
CA HIS A 180 -2.64 23.18 19.20
C HIS A 180 -3.40 23.83 20.36
N ASP A 181 -4.43 24.61 20.07
CA ASP A 181 -5.23 25.20 21.13
C ASP A 181 -6.20 24.15 21.69
N GLY A 182 -6.21 22.96 21.09
CA GLY A 182 -7.08 21.88 21.52
C GLY A 182 -8.55 22.09 21.24
N LYS A 183 -8.88 23.10 20.45
CA LYS A 183 -10.28 23.41 20.12
C LYS A 183 -10.96 22.45 19.15
N GLY A 184 -10.22 22.02 18.13
CA GLY A 184 -10.81 21.15 17.14
C GLY A 184 -9.76 20.49 16.26
N MET A 185 -10.25 19.90 15.18
CA MET A 185 -9.40 19.15 14.28
C MET A 185 -9.76 19.29 12.81
N PHE A 186 -8.73 19.41 11.97
CA PHE A 186 -8.91 19.49 10.52
C PHE A 186 -9.06 18.06 9.99
N TYR A 187 -9.87 17.91 8.95
CA TYR A 187 -10.09 16.61 8.31
C TYR A 187 -10.67 16.89 6.92
N ASN A 188 -10.76 15.86 6.10
CA ASN A 188 -11.30 15.98 4.74
C ASN A 188 -12.58 15.20 4.60
N ALA A 189 -13.48 15.72 3.77
CA ALA A 189 -14.74 15.04 3.51
C ALA A 189 -15.21 15.35 2.11
N TYR A 190 -15.97 14.41 1.56
CA TYR A 190 -16.54 14.52 0.22
C TYR A 190 -17.99 14.94 0.35
N PRO A 191 -18.51 15.65 -0.67
CA PRO A 191 -19.91 16.10 -0.62
C PRO A 191 -20.88 14.92 -0.73
N GLN A 192 -22.14 15.16 -0.36
CA GLN A 192 -23.20 14.17 -0.42
C GLN A 192 -23.31 13.65 -1.86
N GLN A 193 -23.59 12.36 -2.02
CA GLN A 193 -23.75 11.80 -3.34
C GLN A 193 -24.92 10.82 -3.39
N ASP A 194 -25.50 10.68 -4.57
CA ASP A 194 -26.62 9.76 -4.77
C ASP A 194 -26.09 8.34 -4.67
N GLY A 195 -26.95 7.41 -4.27
CA GLY A 195 -26.55 6.03 -4.15
C GLY A 195 -25.86 5.75 -2.83
N LYS A 196 -25.19 4.60 -2.77
CA LYS A 196 -24.49 4.17 -1.57
C LYS A 196 -23.09 4.76 -1.42
N SER A 197 -22.61 4.75 -0.18
CA SER A 197 -21.28 5.20 0.17
C SER A 197 -20.81 4.23 1.24
N ASP A 198 -20.79 2.95 0.89
CA ASP A 198 -20.38 1.91 1.83
C ASP A 198 -19.23 1.05 1.31
N GLY A 199 -18.74 1.35 0.12
CA GLY A 199 -17.65 0.58 -0.45
C GLY A 199 -18.07 -0.34 -1.59
N THR A 200 -19.37 -0.50 -1.80
CA THR A 200 -19.86 -1.36 -2.89
C THR A 200 -20.18 -0.55 -4.15
N GLU A 201 -20.23 0.78 -4.00
CA GLU A 201 -20.52 1.65 -5.14
C GLU A 201 -19.26 1.90 -5.96
N THR A 202 -19.44 2.39 -7.18
CA THR A 202 -18.31 2.68 -8.06
C THR A 202 -18.15 4.18 -8.33
N SER A 203 -19.05 4.97 -7.76
CA SER A 203 -19.07 6.42 -7.93
C SER A 203 -17.73 7.11 -7.76
N THR A 204 -17.37 7.92 -8.75
CA THR A 204 -16.12 8.66 -8.73
C THR A 204 -16.12 9.67 -7.58
N ASN A 205 -14.98 9.81 -6.92
CA ASN A 205 -14.85 10.71 -5.78
C ASN A 205 -14.17 12.00 -6.20
N LEU A 206 -14.94 13.09 -6.16
CA LEU A 206 -14.47 14.40 -6.56
C LEU A 206 -14.88 15.46 -5.55
N HIS A 207 -14.26 16.63 -5.66
CA HIS A 207 -14.55 17.77 -4.80
C HIS A 207 -14.30 17.55 -3.31
N GLN A 208 -13.20 16.88 -3.00
CA GLN A 208 -12.85 16.67 -1.60
C GLN A 208 -12.55 18.06 -1.01
N LYS A 209 -13.04 18.30 0.20
CA LYS A 209 -12.81 19.58 0.84
C LYS A 209 -12.16 19.42 2.20
N LEU A 210 -11.65 20.54 2.71
CA LEU A 210 -11.00 20.58 4.02
C LEU A 210 -11.93 21.27 5.00
N TYR A 211 -12.23 20.56 6.08
CA TYR A 211 -13.10 21.08 7.13
C TYR A 211 -12.39 21.13 8.48
N TYR A 212 -12.96 21.92 9.38
CA TYR A 212 -12.45 22.06 10.75
C TYR A 212 -13.60 21.74 11.69
N HIS A 213 -13.44 20.69 12.49
CA HIS A 213 -14.46 20.31 13.46
C HIS A 213 -14.10 20.79 14.86
N VAL A 214 -15.00 21.56 15.44
CA VAL A 214 -14.84 22.05 16.81
C VAL A 214 -15.36 20.94 17.73
N LEU A 215 -14.51 20.43 18.61
CA LEU A 215 -14.92 19.37 19.53
C LEU A 215 -16.11 19.82 20.38
N GLY A 216 -17.10 18.95 20.50
CA GLY A 216 -18.30 19.24 21.26
C GLY A 216 -19.44 19.82 20.44
N THR A 217 -19.31 19.79 19.12
CA THR A 217 -20.35 20.32 18.24
C THR A 217 -20.78 19.25 17.22
N ASP A 218 -21.84 19.56 16.49
CA ASP A 218 -22.32 18.66 15.45
C ASP A 218 -21.53 18.93 14.17
N GLN A 219 -21.36 17.90 13.36
CA GLN A 219 -20.63 18.01 12.11
C GLN A 219 -21.20 19.08 11.18
N SER A 220 -22.49 19.33 11.27
CA SER A 220 -23.15 20.33 10.43
C SER A 220 -22.62 21.74 10.69
N GLU A 221 -21.99 21.94 11.86
CA GLU A 221 -21.43 23.24 12.21
C GLU A 221 -19.98 23.42 11.74
N ASP A 222 -19.38 22.35 11.23
CA ASP A 222 -17.99 22.40 10.78
C ASP A 222 -17.67 23.52 9.80
N ILE A 223 -16.47 24.07 9.94
CA ILE A 223 -16.02 25.18 9.12
C ILE A 223 -15.30 24.72 7.87
N LEU A 224 -15.72 25.24 6.71
CA LEU A 224 -15.10 24.94 5.43
C LEU A 224 -13.86 25.85 5.36
N CYS A 225 -12.67 25.26 5.34
CA CYS A 225 -11.42 26.03 5.31
C CYS A 225 -10.69 26.10 3.98
N ALA A 226 -10.95 25.14 3.11
CA ALA A 226 -10.34 25.11 1.79
C ALA A 226 -11.16 24.22 0.86
N GLU A 227 -11.33 24.69 -0.37
CA GLU A 227 -12.05 23.96 -1.40
C GLU A 227 -11.51 24.40 -2.74
N PHE A 228 -11.65 23.54 -3.74
CA PHE A 228 -11.15 23.81 -5.07
C PHE A 228 -12.24 23.47 -6.09
N PRO A 229 -13.31 24.29 -6.13
CA PRO A 229 -14.43 24.09 -7.05
C PRO A 229 -14.12 23.93 -8.53
N ASP A 230 -13.08 24.60 -9.02
CA ASP A 230 -12.72 24.52 -10.43
C ASP A 230 -11.70 23.40 -10.72
N GLU A 231 -11.31 22.69 -9.67
CA GLU A 231 -10.34 21.60 -9.79
C GLU A 231 -10.86 20.43 -8.98
N PRO A 232 -11.87 19.73 -9.52
CA PRO A 232 -12.49 18.58 -8.85
C PRO A 232 -11.61 17.45 -8.35
N LYS A 233 -10.41 17.30 -8.92
CA LYS A 233 -9.53 16.23 -8.50
C LYS A 233 -8.52 16.58 -7.41
N TRP A 234 -8.39 17.87 -7.11
CA TRP A 234 -7.46 18.30 -6.08
C TRP A 234 -7.88 17.81 -4.70
N MET A 235 -6.88 17.46 -3.89
CA MET A 235 -7.11 16.97 -2.54
C MET A 235 -6.13 17.71 -1.64
N GLY A 236 -6.66 18.49 -0.69
CA GLY A 236 -5.82 19.26 0.22
C GLY A 236 -5.72 18.69 1.62
N GLY A 237 -4.54 18.18 1.97
CA GLY A 237 -4.31 17.63 3.29
C GLY A 237 -3.65 18.65 4.20
N ALA A 238 -4.20 18.80 5.40
CA ALA A 238 -3.68 19.77 6.37
C ALA A 238 -2.92 19.13 7.53
N GLU A 239 -1.93 19.86 8.02
CA GLU A 239 -1.15 19.45 9.18
C GLU A 239 -0.73 20.74 9.85
N LEU A 240 -0.46 20.67 11.15
CA LEU A 240 0.00 21.84 11.89
C LEU A 240 1.52 21.76 12.02
N SER A 241 2.17 22.91 11.96
CA SER A 241 3.61 22.96 12.16
C SER A 241 3.89 22.53 13.61
N ASP A 242 5.11 22.15 13.92
CA ASP A 242 5.48 21.69 15.26
C ASP A 242 5.19 22.68 16.37
N ASP A 243 5.30 23.98 16.08
CA ASP A 243 5.04 25.01 17.07
C ASP A 243 3.55 25.41 17.13
N GLY A 244 2.74 24.78 16.29
CA GLY A 244 1.31 25.04 16.23
C GLY A 244 0.89 26.35 15.58
N ARG A 245 1.84 27.10 15.05
CA ARG A 245 1.50 28.39 14.46
C ARG A 245 0.95 28.38 13.04
N TYR A 246 1.37 27.41 12.24
CA TYR A 246 0.96 27.35 10.84
C TYR A 246 0.21 26.09 10.43
N VAL A 247 -0.83 26.27 9.62
CA VAL A 247 -1.53 25.14 9.05
C VAL A 247 -0.85 24.99 7.69
N LEU A 248 -0.31 23.81 7.40
CA LEU A 248 0.35 23.57 6.12
C LEU A 248 -0.60 22.71 5.29
N LEU A 249 -0.95 23.21 4.11
CA LEU A 249 -1.85 22.50 3.20
C LEU A 249 -1.09 21.96 2.02
N SER A 250 -1.06 20.64 1.90
CA SER A 250 -0.40 19.95 0.80
C SER A 250 -1.48 19.54 -0.18
N ILE A 251 -1.50 20.17 -1.35
CA ILE A 251 -2.51 19.86 -2.34
C ILE A 251 -1.96 18.89 -3.38
N ARG A 252 -2.70 17.81 -3.60
CA ARG A 252 -2.31 16.77 -4.55
C ARG A 252 -3.36 16.63 -5.64
N GLU A 253 -2.89 16.22 -6.82
CA GLU A 253 -3.76 15.91 -7.95
C GLU A 253 -3.08 14.73 -8.64
N GLY A 254 -3.57 13.54 -8.36
CA GLY A 254 -2.97 12.37 -8.94
C GLY A 254 -2.07 11.68 -7.94
N ASP A 256 1.56 11.25 -8.44
CA ASP A 256 2.98 11.56 -8.50
C ASP A 256 3.42 12.19 -7.19
N PRO A 257 4.71 12.07 -6.88
CA PRO A 257 5.21 12.65 -5.64
C PRO A 257 5.48 14.14 -5.86
N VAL A 258 4.39 14.91 -5.95
CA VAL A 258 4.43 16.35 -6.13
C VAL A 258 3.24 16.92 -5.37
N ASN A 259 3.36 18.15 -4.92
CA ASN A 259 2.27 18.80 -4.21
C ASN A 259 2.45 20.30 -4.14
N ARG A 260 1.33 21.01 -4.12
CA ARG A 260 1.36 22.45 -3.90
C ARG A 260 1.49 22.52 -2.38
N LEU A 261 2.04 23.63 -1.89
CA LEU A 261 2.21 23.83 -0.46
C LEU A 261 1.76 25.24 -0.13
N TRP A 262 0.62 25.33 0.53
CA TRP A 262 0.11 26.62 0.96
C TRP A 262 0.18 26.63 2.48
N TYR A 263 0.23 27.81 3.09
CA TYR A 263 0.26 27.87 4.54
C TYR A 263 -0.63 28.97 5.07
N CYS A 264 -1.10 28.75 6.30
CA CYS A 264 -1.91 29.74 6.99
C CYS A 264 -1.27 30.03 8.32
N ASP A 265 -0.88 31.28 8.53
CA ASP A 265 -0.33 31.72 9.79
C ASP A 265 -1.57 31.93 10.66
N LEU A 266 -1.85 31.01 11.58
CA LEU A 266 -3.04 31.11 12.42
C LEU A 266 -3.16 32.38 13.25
N GLN A 267 -2.03 32.96 13.64
CA GLN A 267 -2.06 34.18 14.42
C GLN A 267 -2.59 35.35 13.59
N GLN A 268 -2.45 35.23 12.27
CA GLN A 268 -2.90 36.27 11.37
C GLN A 268 -4.39 36.20 11.01
N GLU A 269 -5.08 35.16 11.47
CA GLU A 269 -6.50 35.06 11.20
C GLU A 269 -7.20 36.16 12.00
N SER A 270 -8.16 36.84 11.38
CA SER A 270 -8.88 37.94 12.03
C SER A 270 -9.59 37.61 13.34
N ASN A 271 -10.17 36.40 13.41
CA ASN A 271 -10.90 36.00 14.61
C ASN A 271 -11.00 34.47 14.71
N GLY A 272 -9.84 33.82 14.69
CA GLY A 272 -9.80 32.37 14.75
C GLY A 272 -10.24 31.73 13.45
N ILE A 273 -10.50 30.43 13.48
CA ILE A 273 -10.95 29.69 12.30
C ILE A 273 -12.45 29.87 12.14
N THR A 274 -12.86 30.72 11.19
CA THR A 274 -14.27 31.00 10.96
C THR A 274 -14.73 30.79 9.51
N GLY A 275 -13.78 30.53 8.62
CA GLY A 275 -14.14 30.31 7.23
C GLY A 275 -12.92 29.95 6.41
N ILE A 276 -12.93 30.34 5.15
CA ILE A 276 -11.80 30.07 4.27
C ILE A 276 -10.60 30.81 4.86
N LEU A 277 -9.52 30.08 5.14
CA LEU A 277 -8.35 30.67 5.75
C LEU A 277 -7.57 31.56 4.78
N LYS A 278 -6.76 32.45 5.34
CA LYS A 278 -5.93 33.38 4.57
C LYS A 278 -4.69 32.63 4.08
N TRP A 279 -4.89 31.74 3.12
CA TRP A 279 -3.81 30.94 2.58
C TRP A 279 -2.76 31.74 1.83
N VAL A 280 -1.50 31.42 2.10
CA VAL A 280 -0.37 32.04 1.41
C VAL A 280 0.12 30.90 0.51
N LYS A 281 0.06 31.10 -0.79
CA LYS A 281 0.43 30.08 -1.76
C LYS A 281 1.94 30.04 -2.03
N LEU A 282 2.66 29.53 -1.04
CA LEU A 282 4.12 29.42 -1.09
C LEU A 282 4.61 28.71 -2.35
N ILE A 283 4.15 27.49 -2.54
CA ILE A 283 4.48 26.70 -3.73
C ILE A 283 3.14 26.45 -4.41
N ASP A 284 2.89 27.16 -5.49
CA ASP A 284 1.60 27.04 -6.16
C ASP A 284 1.64 26.34 -7.51
N ASN A 285 2.21 25.14 -7.53
CA ASN A 285 2.31 24.35 -8.75
C ASN A 285 2.56 22.91 -8.30
N PHE A 286 2.54 21.99 -9.26
CA PHE A 286 2.77 20.57 -9.01
C PHE A 286 4.12 20.09 -9.57
N GLU A 287 5.13 20.95 -9.48
CA GLU A 287 6.44 20.59 -10.00
C GLU A 287 7.33 19.78 -9.07
N GLY A 288 7.01 19.76 -7.78
CA GLY A 288 7.83 19.00 -6.85
C GLY A 288 7.12 18.63 -5.56
N GLU A 289 7.74 17.73 -4.81
CA GLU A 289 7.23 17.28 -3.53
C GLU A 289 7.86 18.14 -2.43
N TYR A 290 7.06 18.55 -1.46
CA TYR A 290 7.52 19.32 -0.32
C TYR A 290 6.85 18.73 0.91
N ASP A 291 7.61 17.94 1.65
CA ASP A 291 7.14 17.26 2.85
C ASP A 291 7.71 17.96 4.06
N TYR A 292 6.83 18.47 4.91
CA TYR A 292 7.24 19.20 6.10
C TYR A 292 7.97 18.32 7.10
N VAL A 293 9.14 18.79 7.52
CA VAL A 293 9.95 18.08 8.53
C VAL A 293 9.84 18.84 9.85
N THR A 294 10.19 20.13 9.83
CA THR A 294 10.07 20.97 11.03
C THR A 294 10.30 22.42 10.64
N ASN A 295 10.15 23.31 11.60
CA ASN A 295 10.43 24.72 11.37
C ASN A 295 11.01 25.34 12.63
N GLU A 296 11.73 26.44 12.43
CA GLU A 296 12.29 27.21 13.52
C GLU A 296 11.91 28.62 13.11
N GLY A 297 10.82 29.11 13.68
CA GLY A 297 10.33 30.41 13.29
C GLY A 297 9.87 30.30 11.84
N THR A 298 10.27 31.25 11.00
CA THR A 298 9.89 31.25 9.60
C THR A 298 10.75 30.34 8.70
N VAL A 299 11.76 29.68 9.27
CA VAL A 299 12.62 28.79 8.48
C VAL A 299 12.06 27.36 8.53
N PHE A 300 11.51 26.94 7.40
CA PHE A 300 10.89 25.63 7.24
C PHE A 300 11.76 24.61 6.53
N THR A 301 11.92 23.46 7.14
CA THR A 301 12.71 22.38 6.59
C THR A 301 11.76 21.38 5.89
N PHE A 302 12.01 21.13 4.62
CA PHE A 302 11.19 20.21 3.83
C PHE A 302 12.04 19.14 3.15
N LYS A 303 11.47 17.95 3.03
CA LYS A 303 12.11 16.90 2.25
C LYS A 303 11.50 17.18 0.86
N THR A 304 12.33 17.23 -0.17
CA THR A 304 11.84 17.54 -1.50
C THR A 304 12.54 16.73 -2.58
N ASN A 305 11.91 16.65 -3.73
CA ASN A 305 12.52 15.99 -4.89
C ASN A 305 12.67 17.04 -5.99
N ARG A 306 12.49 18.31 -5.65
CA ARG A 306 12.63 19.39 -6.63
C ARG A 306 14.06 19.34 -7.17
N HIS A 307 14.19 18.98 -8.43
CA HIS A 307 15.47 18.84 -9.12
C HIS A 307 16.43 17.94 -8.34
N SER A 308 15.84 16.96 -7.64
CA SER A 308 16.60 16.00 -6.85
C SER A 308 15.77 14.72 -6.79
N PRO A 309 15.90 13.88 -7.83
CA PRO A 309 15.16 12.61 -7.92
C PRO A 309 15.36 11.64 -6.75
N ASN A 310 16.49 11.73 -6.07
CA ASN A 310 16.76 10.86 -4.92
C ASN A 310 16.40 11.51 -3.59
N TYR A 311 15.84 12.71 -3.67
CA TYR A 311 15.39 13.51 -2.53
C TYR A 311 16.50 14.15 -1.72
N ARG A 312 16.18 15.27 -1.07
CA ARG A 312 17.12 16.02 -0.26
C ARG A 312 16.34 16.91 0.71
N LEU A 313 17.05 17.52 1.64
CA LEU A 313 16.43 18.43 2.59
C LEU A 313 16.79 19.87 2.28
N ILE A 314 15.77 20.72 2.20
CA ILE A 314 15.95 22.14 1.94
C ILE A 314 15.28 22.95 3.03
N ASN A 315 15.76 24.17 3.22
CA ASN A 315 15.19 25.12 4.16
C ASN A 315 14.64 26.28 3.35
N ILE A 316 13.34 26.54 3.50
CA ILE A 316 12.69 27.64 2.81
C ILE A 316 12.28 28.62 3.91
N ASP A 317 12.74 29.85 3.82
CA ASP A 317 12.40 30.88 4.80
C ASP A 317 11.16 31.61 4.27
N PHE A 318 10.05 31.55 4.99
CA PHE A 318 8.83 32.21 4.55
C PHE A 318 9.01 33.72 4.34
N THR A 319 10.03 34.32 4.96
CA THR A 319 10.27 35.75 4.80
C THR A 319 11.13 36.09 3.58
N ASP A 320 11.70 35.07 2.94
CA ASP A 320 12.55 35.25 1.75
C ASP A 320 12.36 33.93 1.00
N PRO A 321 11.12 33.69 0.54
CA PRO A 321 10.68 32.49 -0.19
C PRO A 321 11.15 32.12 -1.58
N GLU A 322 11.76 33.04 -2.33
CA GLU A 322 12.22 32.72 -3.67
C GLU A 322 13.13 31.51 -3.70
N GLU A 323 12.97 30.66 -4.71
CA GLU A 323 13.77 29.45 -4.85
C GLU A 323 15.28 29.68 -4.83
N SER A 324 15.73 30.80 -5.39
CA SER A 324 17.14 31.11 -5.41
C SER A 324 17.71 31.30 -3.99
N LYS A 325 16.81 31.53 -3.03
CA LYS A 325 17.22 31.75 -1.65
C LYS A 325 17.19 30.50 -0.78
N TRP A 326 16.56 29.44 -1.24
CA TRP A 326 16.48 28.23 -0.43
C TRP A 326 17.86 27.69 -0.06
N LYS A 327 18.00 27.16 1.15
CA LYS A 327 19.26 26.59 1.57
C LYS A 327 19.15 25.07 1.47
N VAL A 328 20.19 24.43 0.97
CA VAL A 328 20.20 22.98 0.88
C VAL A 328 20.85 22.47 2.17
N LEU A 329 20.02 21.97 3.08
CA LEU A 329 20.49 21.48 4.37
C LEU A 329 21.21 20.12 4.28
N VAL A 330 20.60 19.17 3.59
CA VAL A 330 21.19 17.85 3.38
C VAL A 330 21.07 17.58 1.88
N PRO A 331 22.18 17.74 1.14
CA PRO A 331 22.15 17.51 -0.30
C PRO A 331 21.74 16.12 -0.70
N GLU A 332 21.30 16.01 -1.94
CA GLU A 332 20.87 14.75 -2.54
C GLU A 332 22.06 13.80 -2.68
N HIS A 333 21.81 12.52 -2.51
CA HIS A 333 22.84 11.53 -2.68
C HIS A 333 22.77 11.06 -4.13
N GLU A 334 23.90 10.63 -4.66
CA GLU A 334 24.04 10.17 -6.03
C GLU A 334 23.16 8.98 -6.37
N LYS A 335 22.95 8.10 -5.40
CA LYS A 335 22.14 6.91 -5.64
C LYS A 335 21.12 6.58 -4.55
N ASP A 336 21.50 6.79 -3.28
CA ASP A 336 20.60 6.48 -2.18
C ASP A 336 19.42 7.43 -2.05
N VAL A 337 18.24 6.84 -1.88
CA VAL A 337 17.02 7.61 -1.75
C VAL A 337 16.72 7.99 -0.31
N LEU A 338 16.49 9.27 -0.08
CA LEU A 338 16.12 9.73 1.26
C LEU A 338 14.62 9.46 1.31
N GLU A 339 14.23 8.43 2.05
CA GLU A 339 12.82 8.02 2.14
C GLU A 339 11.95 8.92 3.00
N TRP A 340 12.42 9.20 4.22
CA TRP A 340 11.68 10.05 5.13
C TRP A 340 12.62 10.66 6.15
N VAL A 341 12.15 11.74 6.76
CA VAL A 341 12.93 12.46 7.75
C VAL A 341 12.00 12.92 8.89
N ALA A 342 12.49 12.79 10.12
CA ALA A 342 11.72 13.22 11.28
C ALA A 342 12.58 14.14 12.12
N CYS A 343 11.95 15.07 12.82
CA CYS A 343 12.65 15.98 13.72
C CYS A 343 12.30 15.54 15.15
N VAL A 344 13.33 15.31 15.96
CA VAL A 344 13.14 14.87 17.33
C VAL A 344 14.10 15.58 18.28
N ARG A 345 13.68 15.72 19.55
CA ARG A 345 14.47 16.38 20.58
C ARG A 345 14.93 17.77 20.16
N SER A 346 13.99 18.53 19.61
CA SER A 346 14.21 19.90 19.15
C SER A 346 15.13 20.10 17.95
N ASN A 347 16.40 19.73 18.08
CA ASN A 347 17.36 19.95 17.01
C ASN A 347 18.03 18.73 16.38
N PHE A 348 17.39 17.57 16.48
CA PHE A 348 17.94 16.37 15.83
C PHE A 348 17.02 16.01 14.68
N LEU A 349 17.61 15.39 13.65
CA LEU A 349 16.86 14.92 12.50
C LEU A 349 17.19 13.45 12.31
N VAL A 350 16.17 12.62 12.13
CA VAL A 350 16.35 11.19 11.88
C VAL A 350 16.10 11.02 10.38
N LEU A 351 17.12 10.57 9.65
CA LEU A 351 17.01 10.38 8.21
C LEU A 351 17.04 8.90 7.90
N CYS A 352 16.07 8.45 7.10
CA CYS A 352 16.02 7.06 6.68
C CYS A 352 16.30 6.98 5.19
N TYR A 353 17.38 6.31 4.83
CA TYR A 353 17.78 6.14 3.44
C TYR A 353 17.49 4.74 2.95
N LEU A 354 17.43 4.62 1.63
CA LEU A 354 17.24 3.34 0.98
C LEU A 354 18.48 3.14 0.11
N HIS A 355 19.31 2.18 0.52
CA HIS A 355 20.55 1.86 -0.19
C HIS A 355 20.37 0.47 -0.78
N ASP A 356 20.32 0.39 -2.11
CA ASP A 356 20.13 -0.87 -2.82
C ASP A 356 19.02 -1.69 -2.19
N VAL A 357 17.89 -1.04 -1.98
CA VAL A 357 16.67 -1.64 -1.45
C VAL A 357 16.71 -2.12 0.00
N LYS A 358 17.59 -1.51 0.79
CA LYS A 358 17.72 -1.83 2.21
C LYS A 358 17.77 -0.52 2.97
N ASN A 359 17.13 -0.45 4.13
CA ASN A 359 17.12 0.79 4.91
C ASN A 359 18.31 1.03 5.81
N THR A 360 18.65 2.30 5.97
CA THR A 360 19.72 2.74 6.86
C THR A 360 19.08 3.89 7.65
N LEU A 361 19.54 4.11 8.87
CA LEU A 361 19.01 5.15 9.74
C LEU A 361 20.16 5.99 10.29
N GLN A 362 20.02 7.31 10.17
CA GLN A 362 21.06 8.23 10.60
C GLN A 362 20.49 9.40 11.39
N LEU A 363 21.27 9.90 12.34
CA LEU A 363 20.90 11.07 13.13
C LEU A 363 21.75 12.23 12.63
N HIS A 364 21.10 13.34 12.34
CA HIS A 364 21.77 14.54 11.85
C HIS A 364 21.43 15.76 12.70
N ASP A 365 22.29 16.77 12.64
CA ASP A 365 22.06 18.01 13.36
C ASP A 365 21.11 18.86 12.52
N LEU A 366 20.11 19.47 13.15
CA LEU A 366 19.16 20.30 12.41
C LEU A 366 19.77 21.57 11.84
N ALA A 367 20.63 22.23 12.59
CA ALA A 367 21.24 23.48 12.15
C ALA A 367 22.17 23.38 10.95
N THR A 368 22.97 22.33 10.89
CA THR A 368 23.93 22.19 9.81
C THR A 368 23.65 21.04 8.85
N GLY A 369 22.86 20.07 9.32
CA GLY A 369 22.58 18.91 8.50
C GLY A 369 23.68 17.86 8.62
N ALA A 370 24.69 18.13 9.44
CA ALA A 370 25.79 17.19 9.60
C ALA A 370 25.37 15.86 10.22
N LEU A 371 26.01 14.79 9.75
CA LEU A 371 25.78 13.44 10.25
C LEU A 371 26.39 13.36 11.66
N LEU A 372 25.60 12.86 12.60
CA LEU A 372 26.04 12.72 13.99
C LEU A 372 26.19 11.27 14.42
N LYS A 373 25.26 10.43 14.01
CA LYS A 373 25.29 9.04 14.42
C LYS A 373 24.56 8.13 13.44
N ILE A 374 25.07 6.92 13.30
CA ILE A 374 24.48 5.92 12.44
C ILE A 374 23.89 4.87 13.37
N PHE A 375 22.61 4.58 13.19
CA PHE A 375 21.95 3.55 13.99
C PHE A 375 22.12 2.25 13.22
N PRO A 376 22.92 1.32 13.76
CA PRO A 376 23.17 0.03 13.10
C PRO A 376 21.94 -0.85 12.88
N LEU A 377 21.85 -1.43 11.70
CA LEU A 377 20.74 -2.30 11.34
C LEU A 377 21.23 -3.40 10.42
N GLU A 378 20.60 -4.57 10.52
CA GLU A 378 20.93 -5.68 9.65
C GLU A 378 20.22 -5.39 8.33
N VAL A 379 20.40 -6.26 7.33
CA VAL A 379 19.76 -6.08 6.05
C VAL A 379 18.25 -6.23 6.18
N GLY A 380 17.53 -5.16 5.87
CA GLY A 380 16.09 -5.19 5.97
C GLY A 380 15.42 -3.85 5.80
N SER A 381 14.27 -3.69 6.46
CA SER A 381 13.48 -2.47 6.37
C SER A 381 13.09 -1.88 7.71
N VAL A 382 12.96 -0.56 7.73
CA VAL A 382 12.48 0.15 8.90
C VAL A 382 10.99 0.32 8.59
N VAL A 383 10.15 -0.32 9.40
CA VAL A 383 8.71 -0.28 9.17
C VAL A 383 7.92 0.49 10.23
N GLY A 384 8.62 1.03 11.22
CA GLY A 384 7.96 1.79 12.27
C GLY A 384 8.94 2.77 12.88
N TYR A 385 8.44 3.90 13.35
CA TYR A 385 9.26 4.93 13.97
C TYR A 385 8.42 5.89 14.79
N SER A 386 8.99 6.35 15.89
CA SER A 386 8.32 7.35 16.72
C SER A 386 9.35 8.32 17.28
N GLY A 387 8.94 9.58 17.39
CA GLY A 387 9.82 10.60 17.94
C GLY A 387 9.55 11.94 17.26
N GLN A 388 8.73 12.77 17.89
CA GLN A 388 8.41 14.09 17.35
C GLN A 388 9.33 15.14 17.96
N LYS A 389 9.17 16.39 17.54
CA LYS A 389 10.03 17.46 18.00
C LYS A 389 10.18 17.59 19.51
N LYS A 390 9.07 17.45 20.23
CA LYS A 390 9.16 17.58 21.69
C LYS A 390 9.60 16.32 22.44
N ASP A 391 9.68 15.20 21.73
CA ASP A 391 10.12 13.96 22.36
C ASP A 391 11.64 13.98 22.56
N THR A 392 12.12 13.19 23.51
CA THR A 392 13.55 13.15 23.79
C THR A 392 14.08 11.73 23.60
N GLU A 393 13.34 10.94 22.85
CA GLU A 393 13.69 9.56 22.58
C GLU A 393 13.03 9.10 21.29
N ILE A 394 13.59 8.04 20.72
CA ILE A 394 13.04 7.44 19.52
C ILE A 394 12.89 5.94 19.69
N PHE A 395 11.92 5.41 18.97
CA PHE A 395 11.67 3.97 18.88
C PHE A 395 11.63 3.71 17.38
N TYR A 396 12.15 2.58 16.95
CA TYR A 396 12.09 2.25 15.52
C TYR A 396 12.03 0.74 15.36
N GLN A 397 11.28 0.31 14.36
CA GLN A 397 11.07 -1.09 14.13
C GLN A 397 11.70 -1.57 12.84
N PHE A 398 12.42 -2.68 12.97
CA PHE A 398 13.11 -3.31 11.86
C PHE A 398 12.48 -4.66 11.54
N THR A 399 12.48 -5.02 10.26
CA THR A 399 11.95 -6.31 9.83
C THR A 399 12.72 -6.76 8.59
N SER A 400 12.63 -8.05 8.27
CA SER A 400 13.30 -8.59 7.09
C SER A 400 12.54 -9.84 6.65
N PHE A 401 13.03 -10.48 5.60
CA PHE A 401 12.39 -11.69 5.10
C PHE A 401 12.39 -12.84 6.09
N LEU A 402 13.45 -12.93 6.89
CA LEU A 402 13.58 -14.04 7.83
C LEU A 402 13.25 -13.78 9.29
N SER A 403 13.25 -12.52 9.69
CA SER A 403 12.94 -12.22 11.10
C SER A 403 11.69 -11.38 11.29
N PRO A 404 10.88 -11.73 12.30
CA PRO A 404 9.63 -11.06 12.66
C PRO A 404 9.89 -9.61 13.02
N GLY A 405 11.14 -9.30 13.34
CA GLY A 405 11.51 -7.93 13.65
C GLY A 405 12.01 -7.63 15.04
N ILE A 406 12.63 -6.47 15.14
CA ILE A 406 13.20 -5.97 16.39
C ILE A 406 12.79 -4.52 16.53
N ILE A 407 12.36 -4.16 17.74
CA ILE A 407 12.00 -2.78 18.04
C ILE A 407 13.14 -2.25 18.91
N TYR A 408 13.74 -1.15 18.46
CA TYR A 408 14.84 -0.51 19.18
C TYR A 408 14.36 0.76 19.84
N HIS A 409 15.13 1.22 20.83
CA HIS A 409 14.82 2.43 21.57
C HIS A 409 16.12 3.18 21.83
N CYS A 410 16.08 4.50 21.77
CA CYS A 410 17.27 5.28 22.05
C CYS A 410 16.90 6.56 22.77
N ASP A 411 17.45 6.72 23.96
CA ASP A 411 17.23 7.89 24.78
C ASP A 411 18.18 8.96 24.24
N LEU A 412 17.61 9.98 23.60
CA LEU A 412 18.43 11.02 23.00
C LEU A 412 18.91 12.12 23.95
N THR A 413 18.59 11.99 25.24
CA THR A 413 19.04 13.00 26.21
C THR A 413 20.47 12.69 26.65
N LYS A 414 20.90 11.45 26.44
CA LYS A 414 22.23 11.01 26.82
C LYS A 414 23.32 11.62 25.96
N GLU A 415 24.45 11.96 26.59
CA GLU A 415 25.57 12.54 25.87
C GLU A 415 26.17 11.52 24.91
N GLU A 416 26.22 10.28 25.36
CA GLU A 416 26.75 9.19 24.55
C GLU A 416 25.57 8.29 24.22
N LEU A 417 25.07 8.44 22.99
CA LEU A 417 23.89 7.72 22.53
C LEU A 417 24.15 6.24 22.40
N GLU A 418 23.24 5.47 23.00
CA GLU A 418 23.32 4.01 22.97
C GLU A 418 21.98 3.36 22.70
N PRO A 419 21.70 3.07 21.46
CA PRO A 419 20.45 2.40 21.03
C PRO A 419 20.43 1.00 21.66
N ARG A 420 19.25 0.54 22.06
CA ARG A 420 19.11 -0.77 22.68
C ARG A 420 17.88 -1.50 22.17
N VAL A 421 17.93 -2.82 22.21
CA VAL A 421 16.81 -3.65 21.78
C VAL A 421 15.72 -3.47 22.85
N PHE A 422 14.54 -3.08 22.41
CA PHE A 422 13.41 -2.86 23.30
C PHE A 422 12.45 -4.03 23.31
N ARG A 423 12.18 -4.60 22.13
CA ARG A 423 11.26 -5.73 22.01
C ARG A 423 11.68 -6.58 20.81
N GLU A 424 11.72 -7.89 21.01
CA GLU A 424 12.10 -8.82 19.96
C GLU A 424 11.37 -10.13 20.20
N VAL A 425 10.54 -10.53 19.24
CA VAL A 425 9.77 -11.77 19.33
C VAL A 425 10.31 -12.83 18.39
N THR A 426 10.33 -14.07 18.86
CA THR A 426 10.81 -15.17 18.06
C THR A 426 9.66 -16.07 17.61
N VAL A 427 9.67 -16.47 16.35
CA VAL A 427 8.63 -17.34 15.81
C VAL A 427 9.11 -18.78 15.80
N LYS A 428 8.52 -19.60 16.67
CA LYS A 428 8.88 -21.01 16.77
C LYS A 428 8.38 -21.77 15.55
N GLY A 429 9.15 -22.76 15.12
CA GLY A 429 8.76 -23.55 13.96
C GLY A 429 9.54 -23.16 12.72
N ILE A 430 10.03 -21.92 12.70
CA ILE A 430 10.80 -21.42 11.57
C ILE A 430 12.20 -21.04 12.03
N ASP A 431 13.19 -21.78 11.57
CA ASP A 431 14.58 -21.50 11.94
C ASP A 431 15.20 -20.64 10.84
N ALA A 432 15.42 -19.36 11.15
CA ALA A 432 16.00 -18.40 10.20
C ALA A 432 17.36 -18.86 9.66
N SER A 433 18.12 -19.57 10.48
CA SER A 433 19.44 -20.05 10.08
C SER A 433 19.40 -21.08 8.94
N ASP A 434 18.23 -21.68 8.73
CA ASP A 434 18.07 -22.67 7.67
C ASP A 434 17.92 -22.02 6.29
N TYR A 435 17.65 -20.72 6.28
CA TYR A 435 17.44 -20.00 5.04
C TYR A 435 18.48 -18.97 4.68
N GLN A 436 18.43 -18.51 3.44
CA GLN A 436 19.37 -17.54 2.93
C GLN A 436 18.67 -16.52 2.04
N THR A 437 19.08 -15.26 2.18
CA THR A 437 18.53 -14.18 1.36
C THR A 437 19.69 -13.58 0.59
N VAL A 438 19.59 -13.59 -0.73
CA VAL A 438 20.63 -13.01 -1.58
C VAL A 438 19.99 -11.97 -2.48
N GLN A 439 20.77 -10.95 -2.82
CA GLN A 439 20.32 -9.91 -3.72
C GLN A 439 21.20 -9.99 -4.95
N ILE A 440 20.56 -10.02 -6.12
CA ILE A 440 21.29 -10.06 -7.38
C ILE A 440 20.74 -8.95 -8.25
N PHE A 441 21.44 -8.65 -9.33
CA PHE A 441 21.02 -7.62 -10.28
C PHE A 441 21.02 -8.29 -11.64
N TYR A 442 19.84 -8.36 -12.25
CA TYR A 442 19.71 -8.99 -13.55
C TYR A 442 19.43 -7.96 -14.64
N PRO A 443 19.92 -8.22 -15.86
CA PRO A 443 19.67 -7.28 -16.95
C PRO A 443 18.29 -7.46 -17.57
N SER A 444 17.62 -6.35 -17.81
CA SER A 444 16.32 -6.39 -18.45
C SER A 444 16.58 -6.31 -19.96
N LYS A 445 15.50 -6.26 -20.75
CA LYS A 445 15.57 -6.22 -22.20
C LYS A 445 16.50 -5.11 -22.72
N ASP A 446 16.37 -3.92 -22.16
CA ASP A 446 17.18 -2.78 -22.60
C ASP A 446 18.55 -2.67 -21.93
N GLY A 447 18.90 -3.70 -21.14
CA GLY A 447 20.17 -3.73 -20.45
C GLY A 447 20.19 -3.17 -19.03
N THR A 448 19.13 -2.48 -18.62
CA THR A 448 19.07 -1.92 -17.28
C THR A 448 19.17 -3.04 -16.26
N LYS A 449 20.00 -2.85 -15.24
CA LYS A 449 20.18 -3.84 -14.18
C LYS A 449 19.08 -3.64 -13.13
N ILE A 450 18.34 -4.72 -12.88
CA ILE A 450 17.23 -4.69 -11.93
C ILE A 450 17.55 -5.50 -10.69
N PRO A 451 17.29 -4.95 -9.49
CA PRO A 451 17.57 -5.74 -8.29
C PRO A 451 16.48 -6.78 -8.06
N MET A 452 16.87 -7.89 -7.45
CA MET A 452 15.94 -8.93 -7.09
C MET A 452 16.45 -9.66 -5.86
N PHE A 453 15.58 -9.82 -4.87
CA PHE A 453 15.91 -10.56 -3.66
C PHE A 453 15.42 -11.98 -3.89
N ILE A 454 16.21 -12.96 -3.47
CA ILE A 454 15.82 -14.36 -3.59
C ILE A 454 16.01 -14.98 -2.21
N VAL A 455 14.97 -15.63 -1.70
CA VAL A 455 15.02 -16.27 -0.40
C VAL A 455 14.80 -17.77 -0.59
N HIS A 456 15.70 -18.59 -0.07
CA HIS A 456 15.58 -20.02 -0.23
C HIS A 456 16.33 -20.78 0.85
N LYS A 457 16.09 -22.08 0.91
CA LYS A 457 16.74 -22.97 1.88
C LYS A 457 18.21 -23.08 1.49
N LYS A 458 19.08 -23.06 2.50
CA LYS A 458 20.51 -23.17 2.26
C LYS A 458 20.89 -24.51 1.63
N GLY A 459 21.85 -24.47 0.71
CA GLY A 459 22.32 -25.67 0.07
C GLY A 459 21.53 -26.30 -1.07
N ILE A 460 20.43 -25.67 -1.49
CA ILE A 460 19.65 -26.25 -2.58
C ILE A 460 20.47 -26.27 -3.87
N LYS A 461 20.18 -27.24 -4.72
CA LYS A 461 20.85 -27.37 -6.00
C LYS A 461 20.09 -26.56 -7.04
N LEU A 462 20.80 -25.78 -7.84
CA LEU A 462 20.15 -24.97 -8.85
C LEU A 462 19.95 -25.81 -10.11
N ASP A 463 19.06 -26.79 -10.00
CA ASP A 463 18.75 -27.70 -11.09
C ASP A 463 17.39 -27.46 -11.74
N GLY A 464 16.76 -26.35 -11.37
CA GLY A 464 15.45 -25.99 -11.91
C GLY A 464 14.27 -26.81 -11.43
N SER A 465 14.46 -27.59 -10.38
CA SER A 465 13.40 -28.46 -9.86
C SER A 465 12.49 -27.85 -8.80
N HIS A 466 12.81 -26.65 -8.34
CA HIS A 466 12.05 -26.02 -7.27
C HIS A 466 10.93 -25.10 -7.69
N PRO A 467 9.78 -25.19 -6.99
CA PRO A 467 8.69 -24.28 -7.35
C PRO A 467 9.13 -22.92 -6.82
N ALA A 468 8.75 -21.87 -7.53
CA ALA A 468 9.14 -20.52 -7.13
C ALA A 468 7.92 -19.60 -7.09
N PHE A 469 8.01 -18.59 -6.23
CA PHE A 469 6.95 -17.59 -6.06
C PHE A 469 7.64 -16.24 -6.28
N LEU A 470 7.37 -15.64 -7.43
CA LEU A 470 7.95 -14.35 -7.84
C LEU A 470 6.93 -13.23 -7.70
N TYR A 471 7.27 -12.26 -6.86
CA TYR A 471 6.42 -11.12 -6.56
C TYR A 471 6.96 -9.82 -7.11
N GLY A 472 6.04 -8.94 -7.53
CA GLY A 472 6.40 -7.63 -8.03
C GLY A 472 5.22 -6.68 -7.94
N TYR A 473 5.51 -5.39 -8.02
CA TYR A 473 4.49 -4.35 -7.99
C TYR A 473 4.79 -3.46 -9.21
N GLY A 474 5.78 -2.58 -9.08
CA GLY A 474 6.19 -1.76 -10.20
C GLY A 474 5.37 -0.53 -10.54
N GLY A 475 5.35 0.43 -9.62
CA GLY A 475 4.61 1.64 -9.89
C GLY A 475 4.47 2.54 -8.69
N PHE A 476 4.01 3.75 -8.97
CA PHE A 476 3.70 4.75 -7.97
C PHE A 476 4.80 5.11 -6.99
N ASN A 477 6.04 4.96 -7.41
CA ASN A 477 7.19 5.30 -6.58
C ASN A 477 7.24 4.46 -5.29
N ILE A 478 6.58 3.32 -5.30
CA ILE A 478 6.59 2.44 -4.13
C ILE A 478 7.79 1.48 -4.20
N SER A 479 8.58 1.44 -3.15
CA SER A 479 9.73 0.56 -3.09
C SER A 479 9.33 -0.73 -2.37
N ILE A 480 9.62 -1.87 -2.99
CA ILE A 480 9.28 -3.15 -2.39
C ILE A 480 10.50 -3.66 -1.62
N THR A 481 10.52 -3.37 -0.33
CA THR A 481 11.64 -3.71 0.54
C THR A 481 11.39 -4.97 1.35
N PRO A 482 12.44 -5.53 1.97
CA PRO A 482 12.29 -6.76 2.77
C PRO A 482 11.21 -6.65 3.84
N ASN A 483 10.37 -7.69 3.91
CA ASN A 483 9.28 -7.72 4.87
C ASN A 483 9.08 -9.16 5.34
N TYR A 484 8.59 -9.33 6.56
CA TYR A 484 8.37 -10.66 7.11
C TYR A 484 7.01 -11.22 6.73
N SER A 485 7.01 -12.38 6.12
CA SER A 485 5.79 -13.05 5.70
C SER A 485 5.82 -14.52 6.09
N VAL A 486 4.97 -14.88 7.04
CA VAL A 486 4.86 -16.26 7.48
C VAL A 486 4.30 -17.12 6.35
N SER A 487 3.34 -16.57 5.61
CA SER A 487 2.72 -17.30 4.50
C SER A 487 3.73 -17.70 3.44
N ARG A 488 4.63 -16.78 3.09
CA ARG A 488 5.65 -17.09 2.09
C ARG A 488 6.68 -18.07 2.64
N LEU A 489 7.01 -17.96 3.92
CA LEU A 489 7.98 -18.88 4.50
C LEU A 489 7.43 -20.30 4.57
N ILE A 490 6.12 -20.44 4.68
CA ILE A 490 5.51 -21.77 4.70
C ILE A 490 5.68 -22.38 3.31
N PHE A 491 5.59 -21.55 2.28
CA PHE A 491 5.79 -22.01 0.91
C PHE A 491 7.23 -22.53 0.78
N VAL A 492 8.18 -21.82 1.37
CA VAL A 492 9.58 -22.23 1.32
C VAL A 492 9.82 -23.53 2.09
N ARG A 493 9.45 -23.55 3.37
CA ARG A 493 9.65 -24.70 4.25
C ARG A 493 8.78 -25.92 3.98
N HIS A 494 7.48 -25.70 3.82
CA HIS A 494 6.56 -26.79 3.64
C HIS A 494 6.17 -27.15 2.20
N MET A 495 6.58 -26.32 1.24
CA MET A 495 6.30 -26.62 -0.16
C MET A 495 7.59 -26.64 -0.97
N GLY A 496 8.73 -26.54 -0.26
CA GLY A 496 10.04 -26.58 -0.88
C GLY A 496 10.29 -25.49 -1.92
N GLY A 497 9.64 -24.35 -1.73
CA GLY A 497 9.77 -23.27 -2.68
C GLY A 497 10.87 -22.24 -2.50
N VAL A 498 11.02 -21.45 -3.56
CA VAL A 498 11.98 -20.36 -3.62
C VAL A 498 11.16 -19.07 -3.76
N LEU A 499 11.45 -18.09 -2.92
CA LEU A 499 10.76 -16.80 -2.97
C LEU A 499 11.63 -15.80 -3.70
N ALA A 500 11.01 -14.95 -4.52
CA ALA A 500 11.76 -13.92 -5.24
C ALA A 500 10.92 -12.65 -5.32
N VAL A 501 11.57 -11.51 -5.14
CA VAL A 501 10.92 -10.20 -5.22
C VAL A 501 11.77 -9.37 -6.17
N ALA A 502 11.18 -8.94 -7.28
CA ALA A 502 11.90 -8.15 -8.29
C ALA A 502 11.57 -6.66 -8.15
N ASN A 503 12.60 -5.85 -8.01
CA ASN A 503 12.45 -4.41 -7.84
C ASN A 503 12.41 -3.68 -9.19
N ILE A 504 11.41 -4.05 -9.98
CA ILE A 504 11.23 -3.51 -11.31
C ILE A 504 10.95 -2.00 -11.34
N ARG A 505 11.17 -1.41 -12.51
CA ARG A 505 10.95 0.01 -12.68
C ARG A 505 9.49 0.36 -12.43
N GLY A 506 9.27 1.64 -12.16
CA GLY A 506 7.95 2.12 -11.80
C GLY A 506 7.94 2.34 -10.29
N GLY A 507 8.77 1.57 -9.58
CA GLY A 507 8.89 1.70 -8.14
C GLY A 507 9.76 2.90 -7.79
N GLY A 508 10.05 3.05 -6.48
CA GLY A 508 10.88 4.16 -6.05
C GLY A 508 12.26 3.76 -5.57
N GLU A 509 12.66 2.53 -5.86
CA GLU A 509 13.94 1.99 -5.40
C GLU A 509 15.15 2.83 -5.73
N TYR A 510 15.16 3.42 -6.93
CA TYR A 510 16.26 4.29 -7.32
C TYR A 510 15.75 5.68 -7.64
N GLY A 511 14.85 6.14 -6.79
CA GLY A 511 14.30 7.47 -6.91
C GLY A 511 13.30 7.71 -8.02
N GLU A 512 13.01 8.99 -8.25
CA GLU A 512 12.04 9.38 -9.25
C GLU A 512 12.39 8.92 -10.66
N THR A 513 13.67 8.77 -10.98
CA THR A 513 14.02 8.31 -12.31
C THR A 513 13.62 6.83 -12.46
N TRP A 514 13.66 6.09 -11.36
CA TRP A 514 13.24 4.68 -11.40
C TRP A 514 11.73 4.63 -11.64
N HIS A 515 11.02 5.51 -10.95
CA HIS A 515 9.56 5.61 -11.09
C HIS A 515 9.20 5.97 -12.55
N LYS A 516 9.80 7.03 -13.06
CA LYS A 516 9.52 7.47 -14.44
C LYS A 516 9.87 6.41 -15.47
N GLY A 517 10.79 5.51 -15.12
CA GLY A 517 11.19 4.45 -16.03
C GLY A 517 10.14 3.35 -16.16
N GLY A 518 9.05 3.45 -15.42
CA GLY A 518 8.00 2.44 -15.47
C GLY A 518 6.60 3.02 -15.48
N ILE A 519 6.43 4.14 -16.15
CA ILE A 519 5.13 4.79 -16.23
C ILE A 519 4.88 5.37 -17.61
N LEU A 520 3.63 5.69 -17.88
CA LEU A 520 3.20 6.32 -19.11
C LEU A 520 3.68 5.58 -20.37
N ALA A 521 4.43 6.25 -21.25
CA ALA A 521 4.93 5.60 -22.45
C ALA A 521 5.86 4.43 -22.14
N ASN A 522 6.47 4.46 -20.96
CA ASN A 522 7.41 3.42 -20.55
C ASN A 522 6.83 2.34 -19.65
N LYS A 523 5.50 2.26 -19.52
CA LYS A 523 4.92 1.23 -18.66
C LYS A 523 5.38 -0.17 -19.07
N GLN A 524 5.57 -0.41 -20.37
CA GLN A 524 6.01 -1.73 -20.81
C GLN A 524 7.34 -2.16 -20.17
N ASN A 525 8.16 -1.19 -19.75
CA ASN A 525 9.42 -1.51 -19.08
C ASN A 525 9.16 -2.37 -17.84
N CYS A 526 8.06 -2.09 -17.13
CA CYS A 526 7.70 -2.85 -15.93
C CYS A 526 7.52 -4.31 -16.26
N PHE A 527 6.71 -4.56 -17.28
CA PHE A 527 6.39 -5.91 -17.71
C PHE A 527 7.63 -6.62 -18.23
N ASP A 528 8.46 -5.91 -18.98
CA ASP A 528 9.69 -6.49 -19.50
C ASP A 528 10.62 -6.85 -18.35
N ASP A 529 10.76 -5.92 -17.41
CA ASP A 529 11.61 -6.16 -16.24
C ASP A 529 11.15 -7.42 -15.50
N PHE A 530 9.84 -7.53 -15.28
CA PHE A 530 9.32 -8.67 -14.54
C PHE A 530 9.49 -9.98 -15.29
N GLN A 531 9.21 -9.97 -16.59
CA GLN A 531 9.41 -11.15 -17.43
C GLN A 531 10.88 -11.57 -17.40
N CYS A 532 11.77 -10.58 -17.36
CA CYS A 532 13.20 -10.88 -17.31
C CYS A 532 13.62 -11.45 -15.95
N ALA A 533 12.87 -11.12 -14.91
CA ALA A 533 13.16 -11.66 -13.58
C ALA A 533 12.87 -13.16 -13.64
N ALA A 534 11.75 -13.49 -14.27
CA ALA A 534 11.35 -14.89 -14.43
C ALA A 534 12.40 -15.63 -15.26
N GLU A 535 12.84 -15.03 -16.36
CA GLU A 535 13.85 -15.65 -17.20
C GLU A 535 15.13 -15.90 -16.43
N TYR A 536 15.51 -14.96 -15.56
CA TYR A 536 16.70 -15.11 -14.75
C TYR A 536 16.58 -16.32 -13.80
N LEU A 537 15.46 -16.41 -13.10
CA LEU A 537 15.23 -17.51 -12.17
C LEU A 537 15.30 -18.87 -12.86
N ILE A 538 14.82 -18.92 -14.10
CA ILE A 538 14.82 -20.14 -14.88
C ILE A 538 16.22 -20.45 -15.42
N LYS A 539 16.87 -19.48 -16.03
CA LYS A 539 18.20 -19.70 -16.58
C LYS A 539 19.22 -20.05 -15.51
N GLU A 540 19.08 -19.45 -14.33
CA GLU A 540 20.02 -19.71 -13.24
C GLU A 540 19.72 -21.00 -12.47
N GLY A 541 18.65 -21.69 -12.85
CA GLY A 541 18.33 -22.96 -12.20
C GLY A 541 17.53 -22.95 -10.91
N TYR A 542 16.93 -21.82 -10.56
CA TYR A 542 16.12 -21.77 -9.35
C TYR A 542 14.79 -22.46 -9.56
N THR A 543 14.27 -22.41 -10.78
CA THR A 543 12.97 -22.97 -11.08
C THR A 543 12.86 -23.25 -12.59
N SER A 544 11.65 -23.59 -13.04
CA SER A 544 11.36 -23.87 -14.44
C SER A 544 9.99 -23.26 -14.68
N PRO A 545 9.64 -22.93 -15.94
CA PRO A 545 8.34 -22.33 -16.26
C PRO A 545 7.12 -23.01 -15.63
N LYS A 546 7.06 -24.33 -15.73
CA LYS A 546 5.93 -25.09 -15.19
C LYS A 546 5.83 -25.02 -13.67
N ARG A 547 6.92 -24.68 -13.00
CA ARG A 547 6.95 -24.60 -11.54
C ARG A 547 6.92 -23.18 -11.01
N LEU A 548 6.84 -22.20 -11.91
CA LEU A 548 6.84 -20.81 -11.52
C LEU A 548 5.48 -20.14 -11.34
N THR A 549 5.30 -19.53 -10.16
CA THR A 549 4.09 -18.76 -9.86
C THR A 549 4.47 -17.29 -9.73
N ILE A 550 3.67 -16.41 -10.33
CA ILE A 550 3.88 -14.98 -10.19
C ILE A 550 2.67 -14.41 -9.45
N ASN A 551 2.93 -13.42 -8.62
CA ASN A 551 1.91 -12.78 -7.80
C ASN A 551 2.15 -11.29 -7.68
N GLY A 552 1.04 -10.56 -7.60
CA GLY A 552 1.08 -9.12 -7.42
C GLY A 552 -0.31 -8.66 -7.04
N GLY A 553 -0.42 -7.50 -6.40
CA GLY A 553 -1.71 -6.97 -6.03
C GLY A 553 -1.88 -5.52 -6.44
N SER A 554 -3.08 -5.16 -6.85
CA SER A 554 -3.44 -3.80 -7.28
C SER A 554 -2.65 -3.49 -8.55
N ASN A 555 -1.75 -2.53 -8.51
CA ASN A 555 -0.91 -2.24 -9.67
C ASN A 555 -0.11 -3.50 -9.99
N GLY A 556 0.15 -4.31 -8.96
CA GLY A 556 0.87 -5.58 -9.14
C GLY A 556 -0.02 -6.66 -9.74
N GLY A 557 -1.34 -6.49 -9.59
CA GLY A 557 -2.31 -7.41 -10.17
C GLY A 557 -2.30 -7.14 -11.67
N LEU A 558 -2.22 -5.87 -12.04
CA LEU A 558 -2.11 -5.47 -13.44
C LEU A 558 -0.82 -6.11 -13.99
N LEU A 559 0.26 -6.00 -13.23
CA LEU A 559 1.55 -6.54 -13.63
C LEU A 559 1.48 -8.02 -14.02
N VAL A 560 1.00 -8.86 -13.12
CA VAL A 560 0.95 -10.27 -13.43
C VAL A 560 -0.08 -10.68 -14.46
N ALA A 561 -1.19 -9.95 -14.55
CA ALA A 561 -2.22 -10.25 -15.55
C ALA A 561 -1.65 -9.97 -16.94
N THR A 562 -0.96 -8.84 -17.08
CA THR A 562 -0.35 -8.48 -18.35
C THR A 562 0.72 -9.50 -18.73
N CYS A 563 1.51 -9.93 -17.75
CA CYS A 563 2.56 -10.89 -18.03
C CYS A 563 1.99 -12.23 -18.49
N ALA A 564 0.82 -12.60 -17.96
CA ALA A 564 0.16 -13.84 -18.36
C ALA A 564 -0.23 -13.77 -19.84
N ASN A 565 -0.76 -12.62 -20.26
CA ASN A 565 -1.14 -12.42 -21.65
C ASN A 565 0.07 -12.37 -22.58
N GLN A 566 1.10 -11.63 -22.15
CA GLN A 566 2.32 -11.45 -22.95
C GLN A 566 3.26 -12.64 -23.05
N ARG A 567 3.44 -13.36 -21.95
CA ARG A 567 4.32 -14.51 -21.93
C ARG A 567 3.67 -15.67 -21.18
N PRO A 568 2.56 -16.20 -21.73
CA PRO A 568 1.91 -17.32 -21.04
C PRO A 568 2.80 -18.56 -20.89
N ASP A 569 3.80 -18.66 -21.76
CA ASP A 569 4.75 -19.77 -21.77
C ASP A 569 5.77 -19.73 -20.63
N LEU A 570 5.85 -18.58 -19.98
CA LEU A 570 6.84 -18.37 -18.93
C LEU A 570 6.40 -18.71 -17.51
N PHE A 571 5.09 -18.84 -17.30
CA PHE A 571 4.55 -19.08 -15.97
C PHE A 571 3.65 -20.28 -15.88
N GLY A 572 3.68 -20.94 -14.73
CA GLY A 572 2.80 -22.09 -14.53
C GLY A 572 1.54 -21.66 -13.81
N CYS A 573 1.67 -20.64 -12.97
CA CYS A 573 0.55 -20.16 -12.18
C CYS A 573 0.65 -18.66 -11.97
N VAL A 574 -0.50 -18.01 -11.94
CA VAL A 574 -0.60 -16.56 -11.77
C VAL A 574 -1.70 -16.25 -10.78
N ILE A 575 -1.37 -15.49 -9.74
CA ILE A 575 -2.36 -15.08 -8.76
C ILE A 575 -2.36 -13.56 -8.77
N ALA A 576 -3.44 -12.98 -9.27
CA ALA A 576 -3.57 -11.53 -9.35
C ALA A 576 -4.59 -11.07 -8.31
N GLN A 577 -4.12 -10.30 -7.35
CA GLN A 577 -4.98 -9.79 -6.29
C GLN A 577 -5.42 -8.37 -6.56
N VAL A 578 -6.71 -8.11 -6.37
CA VAL A 578 -7.33 -6.79 -6.53
C VAL A 578 -6.68 -5.94 -7.61
N GLY A 579 -6.52 -6.51 -8.80
CA GLY A 579 -5.85 -5.85 -9.89
C GLY A 579 -6.65 -4.94 -10.81
N VAL A 580 -5.95 -3.97 -11.37
CA VAL A 580 -6.55 -3.03 -12.32
C VAL A 580 -6.42 -3.74 -13.67
N MET A 581 -7.56 -4.13 -14.24
CA MET A 581 -7.57 -4.87 -15.50
C MET A 581 -8.09 -4.12 -16.72
N ASP A 582 -9.03 -3.21 -16.51
CA ASP A 582 -9.56 -2.42 -17.61
C ASP A 582 -8.80 -1.09 -17.61
N MET A 583 -7.77 -1.01 -18.43
CA MET A 583 -6.98 0.22 -18.50
C MET A 583 -7.63 1.33 -19.30
N LEU A 584 -8.75 1.03 -19.96
CA LEU A 584 -9.46 2.05 -20.73
C LEU A 584 -10.53 2.75 -19.89
N LYS A 585 -10.98 2.11 -18.83
CA LYS A 585 -12.03 2.70 -17.98
C LYS A 585 -11.68 2.89 -16.51
N PHE A 586 -10.45 2.57 -16.11
CA PHE A 586 -10.10 2.69 -14.68
C PHE A 586 -10.37 4.06 -14.04
N HIS A 587 -10.22 5.12 -14.83
CA HIS A 587 -10.38 6.48 -14.33
C HIS A 587 -11.81 6.88 -14.00
N LYS A 588 -12.77 6.09 -14.45
CA LYS A 588 -14.18 6.42 -14.23
C LYS A 588 -14.73 6.11 -12.85
N TYR A 589 -14.06 5.23 -12.12
CA TYR A 589 -14.56 4.79 -10.82
C TYR A 589 -13.80 5.27 -9.60
N THR A 590 -14.55 5.44 -8.52
CA THR A 590 -14.03 5.90 -7.23
C THR A 590 -12.82 6.84 -7.31
N ILE A 591 -11.65 6.37 -6.88
CA ILE A 591 -10.43 7.17 -6.88
C ILE A 591 -9.49 6.86 -8.05
N GLY A 592 -9.96 6.06 -8.99
CA GLY A 592 -9.15 5.70 -10.15
C GLY A 592 -8.63 6.85 -10.97
N HIS A 593 -9.30 8.00 -10.90
CA HIS A 593 -8.85 9.17 -11.65
C HIS A 593 -7.43 9.57 -11.24
N ALA A 594 -7.04 9.21 -10.02
CA ALA A 594 -5.73 9.56 -9.49
C ALA A 594 -4.58 8.79 -10.11
N TRP A 595 -4.86 7.64 -10.71
CA TRP A 595 -3.80 6.81 -11.28
C TRP A 595 -3.32 7.24 -12.66
N THR A 596 -3.95 8.23 -13.26
CA THR A 596 -3.56 8.66 -14.60
C THR A 596 -2.13 9.19 -14.67
N THR A 597 -1.56 9.55 -13.52
CA THR A 597 -0.19 10.05 -13.50
C THR A 597 0.81 8.94 -13.78
N ASP A 598 0.44 7.69 -13.47
CA ASP A 598 1.31 6.54 -13.76
C ASP A 598 0.92 5.89 -15.09
N TYR A 599 -0.38 5.84 -15.39
CA TYR A 599 -0.86 5.16 -16.59
C TYR A 599 -1.20 5.95 -17.83
N GLY A 600 -1.69 7.17 -17.62
CA GLY A 600 -2.18 7.99 -18.71
C GLY A 600 -3.70 7.84 -18.66
N SER A 602 -7.17 7.21 -21.29
CA SER A 602 -7.59 6.83 -22.64
C SER A 602 -8.25 7.91 -23.49
N ASP A 603 -8.55 9.06 -22.89
CA ASP A 603 -9.16 10.16 -23.64
C ASP A 603 -8.16 10.73 -24.65
N SER A 604 -6.88 10.54 -24.37
CA SER A 604 -5.80 10.99 -25.25
C SER A 604 -5.46 9.87 -26.22
N LYS A 605 -5.31 10.19 -27.50
CA LYS A 605 -4.98 9.18 -28.49
C LYS A 605 -3.61 8.58 -28.22
N GLN A 606 -2.65 9.42 -27.83
CA GLN A 606 -1.30 8.95 -27.53
C GLN A 606 -1.35 7.98 -26.35
N HIS A 607 -2.07 8.35 -25.30
CA HIS A 607 -2.19 7.48 -24.12
C HIS A 607 -2.92 6.20 -24.46
N PHE A 608 -3.98 6.32 -25.23
CA PHE A 608 -4.77 5.16 -25.62
C PHE A 608 -3.86 4.16 -26.33
N GLU A 609 -2.98 4.65 -27.20
CA GLU A 609 -2.08 3.78 -27.93
C GLU A 609 -1.13 3.00 -27.01
N TRP A 610 -0.78 3.58 -25.88
CA TRP A 610 0.08 2.88 -24.91
C TRP A 610 -0.77 1.83 -24.21
N LEU A 611 -1.88 2.30 -23.64
CA LEU A 611 -2.80 1.48 -22.86
C LEU A 611 -3.36 0.25 -23.55
N ILE A 612 -3.78 0.41 -24.80
CA ILE A 612 -4.39 -0.70 -25.54
C ILE A 612 -3.43 -1.86 -25.74
N LYS A 613 -2.13 -1.57 -25.76
CA LYS A 613 -1.13 -2.62 -25.98
C LYS A 613 -0.92 -3.57 -24.80
N TYR A 614 -1.23 -3.12 -23.59
CA TYR A 614 -1.02 -3.95 -22.42
C TYR A 614 -2.22 -4.17 -21.51
N SER A 615 -3.29 -3.40 -21.71
CA SER A 615 -4.49 -3.56 -20.88
C SER A 615 -4.86 -5.03 -20.80
N PRO A 616 -4.86 -5.64 -19.59
CA PRO A 616 -5.20 -7.05 -19.47
C PRO A 616 -6.52 -7.44 -20.12
N LEU A 617 -7.56 -6.64 -19.88
CA LEU A 617 -8.89 -6.91 -20.42
C LEU A 617 -8.94 -6.93 -21.94
N HIS A 618 -8.04 -6.20 -22.56
CA HIS A 618 -8.01 -6.07 -24.01
C HIS A 618 -6.94 -6.85 -24.74
N ASN A 619 -6.22 -7.71 -24.02
CA ASN A 619 -5.17 -8.49 -24.65
C ASN A 619 -5.24 -9.99 -24.37
N VAL A 620 -6.44 -10.46 -24.07
CA VAL A 620 -6.63 -11.89 -23.85
C VAL A 620 -6.66 -12.52 -25.25
N LYS A 621 -5.72 -13.40 -25.53
CA LYS A 621 -5.63 -14.02 -26.84
C LYS A 621 -5.05 -15.42 -26.75
N LEU A 622 -5.70 -16.36 -27.44
CA LEU A 622 -5.22 -17.74 -27.46
C LEU A 622 -3.79 -17.77 -27.98
N PRO A 623 -2.90 -18.48 -27.27
CA PRO A 623 -1.51 -18.54 -27.74
C PRO A 623 -1.51 -19.20 -29.14
N GLU A 624 -0.64 -18.70 -30.01
CA GLU A 624 -0.53 -19.19 -31.37
C GLU A 624 -0.13 -20.67 -31.44
N ALA A 625 0.96 -21.01 -30.76
CA ALA A 625 1.46 -22.38 -30.75
C ALA A 625 0.49 -23.35 -30.09
N ASP A 626 0.33 -24.52 -30.70
CA ASP A 626 -0.58 -25.56 -30.20
C ASP A 626 -0.17 -26.14 -28.85
N ASP A 627 1.13 -26.10 -28.55
CA ASP A 627 1.63 -26.64 -27.29
C ASP A 627 1.67 -25.61 -26.17
N ILE A 628 1.14 -24.42 -26.42
CA ILE A 628 1.13 -23.37 -25.42
C ILE A 628 -0.30 -22.97 -25.05
N GLN A 629 -0.58 -22.96 -23.75
CA GLN A 629 -1.88 -22.57 -23.23
C GLN A 629 -1.61 -21.52 -22.16
N TYR A 630 -2.67 -20.96 -21.60
CA TYR A 630 -2.49 -19.98 -20.54
C TYR A 630 -2.14 -20.66 -19.23
N PRO A 631 -1.42 -19.95 -18.35
CA PRO A 631 -1.08 -20.56 -17.07
C PRO A 631 -2.36 -20.64 -16.23
N SER A 632 -2.29 -21.42 -15.14
CA SER A 632 -3.41 -21.51 -14.22
C SER A 632 -3.48 -20.11 -13.62
N MET A 633 -4.68 -19.55 -13.57
CA MET A 633 -4.86 -18.21 -13.05
C MET A 633 -5.95 -18.10 -12.00
N LEU A 634 -5.64 -17.36 -10.94
CA LEU A 634 -6.60 -17.12 -9.88
C LEU A 634 -6.63 -15.63 -9.62
N LEU A 635 -7.80 -15.03 -9.75
CA LEU A 635 -8.00 -13.62 -9.47
C LEU A 635 -8.72 -13.53 -8.12
N LEU A 636 -8.22 -12.68 -7.23
CA LEU A 636 -8.83 -12.51 -5.92
C LEU A 636 -9.28 -11.07 -5.77
N THR A 637 -10.54 -10.88 -5.41
CA THR A 637 -11.07 -9.55 -5.17
C THR A 637 -12.13 -9.66 -4.09
N ALA A 638 -12.76 -8.54 -3.75
CA ALA A 638 -13.79 -8.53 -2.70
C ALA A 638 -14.84 -7.50 -3.03
N ASP A 639 -16.05 -7.72 -2.54
CA ASP A 639 -17.15 -6.83 -2.86
C ASP A 639 -17.13 -5.41 -2.31
N HIS A 640 -16.25 -5.13 -1.35
CA HIS A 640 -16.14 -3.77 -0.83
C HIS A 640 -14.80 -3.15 -1.23
N ASP A 641 -14.17 -3.67 -2.27
CA ASP A 641 -12.93 -3.06 -2.71
C ASP A 641 -13.27 -1.82 -3.53
N ASP A 642 -13.39 -0.71 -2.81
CA ASP A 642 -13.67 0.55 -3.46
C ASP A 642 -12.40 1.27 -3.92
N ARG A 643 -11.23 0.67 -3.70
CA ARG A 643 -9.97 1.26 -4.19
C ARG A 643 -9.88 0.85 -5.66
N VAL A 644 -9.92 -0.44 -5.92
CA VAL A 644 -9.92 -0.97 -7.29
C VAL A 644 -11.22 -1.73 -7.39
N VAL A 645 -12.25 -1.07 -7.92
CA VAL A 645 -13.57 -1.67 -8.02
C VAL A 645 -13.48 -3.07 -8.61
N PRO A 646 -14.17 -4.04 -7.99
CA PRO A 646 -14.14 -5.43 -8.47
C PRO A 646 -14.51 -5.72 -9.91
N LEU A 647 -15.23 -4.80 -10.55
CA LEU A 647 -15.61 -4.99 -11.95
C LEU A 647 -14.37 -5.28 -12.79
N HIS A 648 -13.22 -4.79 -12.37
CA HIS A 648 -11.98 -5.06 -13.13
C HIS A 648 -11.74 -6.57 -13.24
N SER A 649 -11.77 -7.24 -12.10
CA SER A 649 -11.58 -8.68 -12.08
C SER A 649 -12.76 -9.44 -12.67
N LEU A 650 -13.97 -8.94 -12.45
CA LEU A 650 -15.14 -9.62 -13.01
C LEU A 650 -15.09 -9.66 -14.53
N LYS A 651 -14.84 -8.51 -15.15
CA LYS A 651 -14.77 -8.44 -16.61
C LYS A 651 -13.60 -9.26 -17.15
N PHE A 652 -12.48 -9.23 -16.45
CA PHE A 652 -11.32 -9.95 -16.89
C PHE A 652 -11.53 -11.47 -16.85
N ILE A 653 -12.09 -11.99 -15.77
CA ILE A 653 -12.31 -13.43 -15.71
C ILE A 653 -13.34 -13.90 -16.73
N ALA A 654 -14.37 -13.09 -16.98
CA ALA A 654 -15.38 -13.44 -17.97
C ALA A 654 -14.70 -13.58 -19.35
N THR A 655 -13.79 -12.65 -19.64
CA THR A 655 -13.06 -12.64 -20.90
C THR A 655 -12.09 -13.82 -21.00
N LEU A 656 -11.36 -14.10 -19.93
CA LEU A 656 -10.43 -15.23 -19.92
C LEU A 656 -11.17 -16.54 -20.16
N GLN A 657 -12.27 -16.73 -19.45
CA GLN A 657 -13.06 -17.95 -19.59
C GLN A 657 -13.66 -18.12 -20.98
N TYR A 658 -14.11 -17.03 -21.58
CA TYR A 658 -14.71 -17.10 -22.89
C TYR A 658 -13.70 -17.29 -24.02
N ILE A 659 -12.69 -16.43 -24.06
CA ILE A 659 -11.68 -16.50 -25.11
C ILE A 659 -10.70 -17.67 -24.97
N VAL A 660 -10.17 -17.88 -23.76
CA VAL A 660 -9.20 -18.93 -23.52
C VAL A 660 -9.79 -20.20 -22.90
N GLY A 661 -10.64 -20.03 -21.90
CA GLY A 661 -11.26 -21.16 -21.22
C GLY A 661 -12.02 -22.14 -22.09
N ARG A 662 -12.65 -21.65 -23.15
CA ARG A 662 -13.41 -22.51 -24.05
C ARG A 662 -12.55 -23.33 -25.01
N SER A 663 -11.29 -22.95 -25.19
CA SER A 663 -10.42 -23.69 -26.10
C SER A 663 -10.11 -25.08 -25.56
N ARG A 664 -10.07 -26.06 -26.44
CA ARG A 664 -9.82 -27.44 -26.07
C ARG A 664 -8.44 -27.64 -25.44
N LYS A 665 -7.45 -26.89 -25.90
CA LYS A 665 -6.10 -27.04 -25.35
C LYS A 665 -5.93 -26.46 -23.94
N GLN A 666 -6.87 -25.62 -23.53
CA GLN A 666 -6.79 -25.02 -22.21
C GLN A 666 -7.29 -25.97 -21.12
N ASN A 667 -6.35 -26.51 -20.36
CA ASN A 667 -6.69 -27.42 -19.26
C ASN A 667 -6.40 -26.76 -17.91
N ASN A 668 -5.60 -25.70 -17.91
CA ASN A 668 -5.28 -24.98 -16.68
C ASN A 668 -6.49 -24.15 -16.30
N PRO A 669 -6.91 -24.18 -15.02
CA PRO A 669 -8.08 -23.40 -14.57
C PRO A 669 -7.86 -21.89 -14.58
N LEU A 670 -8.94 -21.15 -14.84
CA LEU A 670 -8.94 -19.69 -14.89
C LEU A 670 -10.10 -19.34 -13.95
N LEU A 671 -9.78 -18.99 -12.72
CA LEU A 671 -10.80 -18.75 -11.70
C LEU A 671 -10.75 -17.42 -10.98
N ILE A 672 -11.85 -17.08 -10.33
CA ILE A 672 -11.96 -15.88 -9.52
C ILE A 672 -12.65 -16.20 -8.20
N HIS A 673 -12.22 -15.54 -7.13
CA HIS A 673 -12.87 -15.70 -5.85
C HIS A 673 -13.18 -14.31 -5.38
N VAL A 674 -14.45 -14.02 -5.13
CA VAL A 674 -14.87 -12.71 -4.66
C VAL A 674 -15.30 -12.87 -3.21
N ASP A 675 -14.57 -12.24 -2.29
CA ASP A 675 -14.88 -12.33 -0.87
C ASP A 675 -15.93 -11.31 -0.48
N THR A 676 -16.55 -11.53 0.67
CA THR A 676 -17.56 -10.63 1.20
C THR A 676 -16.99 -9.92 2.43
N LYS A 677 -17.56 -8.77 2.74
CA LYS A 677 -17.14 -7.96 3.89
C LYS A 677 -15.63 -7.72 3.92
N ALA A 678 -15.08 -7.47 2.74
CA ALA A 678 -13.66 -7.20 2.58
C ALA A 678 -13.47 -6.22 1.44
N GLY A 679 -12.31 -5.56 1.46
CA GLY A 679 -11.99 -4.58 0.44
C GLY A 679 -10.63 -4.75 -0.18
N HIS A 680 -9.95 -3.63 -0.42
CA HIS A 680 -8.65 -3.68 -1.07
C HIS A 680 -7.59 -4.47 -0.30
N GLY A 681 -7.72 -4.48 1.02
CA GLY A 681 -6.78 -5.23 1.84
C GLY A 681 -6.47 -4.62 3.21
N ALA A 682 -6.35 -3.30 3.27
CA ALA A 682 -6.06 -2.65 4.54
C ALA A 682 -7.13 -2.98 5.59
N GLY A 683 -6.70 -3.32 6.79
CA GLY A 683 -7.63 -3.63 7.85
C GLY A 683 -8.32 -4.98 7.79
N LYS A 684 -7.93 -5.83 6.84
CA LYS A 684 -8.53 -7.15 6.72
C LYS A 684 -8.24 -7.94 7.99
N PRO A 685 -9.27 -8.54 8.60
CA PRO A 685 -9.03 -9.29 9.82
C PRO A 685 -8.15 -10.52 9.61
N THR A 686 -7.44 -10.91 10.65
CA THR A 686 -6.56 -12.07 10.65
C THR A 686 -7.24 -13.32 10.08
N ALA A 687 -8.48 -13.57 10.47
CA ALA A 687 -9.19 -14.75 9.98
C ALA A 687 -9.26 -14.75 8.45
N LYS A 688 -9.55 -13.59 7.87
CA LYS A 688 -9.64 -13.48 6.41
C LYS A 688 -8.27 -13.58 5.75
N VAL A 689 -7.25 -13.02 6.40
CA VAL A 689 -5.89 -13.10 5.87
C VAL A 689 -5.48 -14.58 5.77
N ILE A 690 -5.76 -15.34 6.82
CA ILE A 690 -5.43 -16.76 6.84
C ILE A 690 -6.17 -17.53 5.74
N GLU A 691 -7.46 -17.25 5.56
CA GLU A 691 -8.21 -17.93 4.51
C GLU A 691 -7.65 -17.60 3.14
N GLU A 692 -7.26 -16.35 2.94
CA GLU A 692 -6.72 -15.90 1.66
C GLU A 692 -5.41 -16.56 1.28
N VAL A 693 -4.44 -16.59 2.19
CA VAL A 693 -3.18 -17.22 1.86
C VAL A 693 -3.37 -18.72 1.67
N SER A 694 -4.32 -19.30 2.40
CA SER A 694 -4.61 -20.73 2.29
C SER A 694 -5.14 -21.01 0.88
N ASP A 695 -5.98 -20.11 0.37
CA ASP A 695 -6.54 -20.24 -0.98
C ASP A 695 -5.42 -20.12 -2.01
N MET A 696 -4.58 -19.11 -1.84
CA MET A 696 -3.47 -18.87 -2.75
C MET A 696 -2.54 -20.07 -2.88
N PHE A 697 -2.07 -20.56 -1.75
CA PHE A 697 -1.14 -21.68 -1.76
C PHE A 697 -1.73 -23.03 -2.09
N ALA A 698 -3.03 -23.20 -1.85
CA ALA A 698 -3.70 -24.43 -2.21
C ALA A 698 -3.82 -24.44 -3.74
N PHE A 699 -4.12 -23.28 -4.32
CA PHE A 699 -4.24 -23.16 -5.78
C PHE A 699 -2.91 -23.51 -6.41
N ILE A 700 -1.84 -22.93 -5.89
CA ILE A 700 -0.50 -23.22 -6.41
C ILE A 700 -0.19 -24.72 -6.28
N ALA A 701 -0.37 -25.26 -5.08
CA ALA A 701 -0.10 -26.67 -4.81
C ALA A 701 -0.87 -27.63 -5.69
N ARG A 702 -2.16 -27.37 -5.87
CA ARG A 702 -2.96 -28.24 -6.72
C ARG A 702 -2.59 -28.14 -8.20
N CYS A 703 -2.47 -26.92 -8.69
CA CYS A 703 -2.13 -26.71 -10.08
C CYS A 703 -0.76 -27.30 -10.46
N LEU A 704 0.22 -27.15 -9.58
CA LEU A 704 1.55 -27.66 -9.85
C LEU A 704 1.80 -29.04 -9.22
N ASN A 705 0.80 -29.57 -8.54
CA ASN A 705 0.86 -30.88 -7.85
C ASN A 705 2.10 -31.00 -6.95
N ILE A 706 2.24 -30.03 -6.06
CA ILE A 706 3.35 -30.00 -5.12
C ILE A 706 3.03 -30.78 -3.86
N ASP A 707 3.98 -31.61 -3.44
CA ASP A 707 3.83 -32.41 -2.22
C ASP A 707 4.09 -31.53 -0.99
N TRP A 708 3.23 -31.64 -0.01
CA TRP A 708 3.40 -30.93 1.25
C TRP A 708 4.55 -31.62 1.98
N ILE A 709 5.46 -30.82 2.52
CA ILE A 709 6.59 -31.34 3.28
C ILE A 709 6.31 -30.91 4.72
N PRO A 710 5.92 -31.87 5.59
CA PRO A 710 5.61 -31.59 7.00
C PRO A 710 6.76 -31.05 7.85
#